data_5L1Z
#
_entry.id   5L1Z
#
_cell.length_a   146.870
_cell.length_b   146.870
_cell.length_c   103.750
_cell.angle_alpha   90.000
_cell.angle_beta   90.000
_cell.angle_gamma   120.000
#
_symmetry.space_group_name_H-M   'P 32 2 1'
#
loop_
_entity.id
_entity.type
_entity.pdbx_description
1 polymer 'Cyclin-dependent kinase 9'
2 polymer Cyclin-T1
3 polymer 'AF4/FMR2 family member 4'
4 polymer 'Protein Tat'
5 polymer "RNA (5'-R(P*AP*GP*AP*UP*CP*UP*GP*AP*GP*CP*CP*UP*GP*GP*GP*AP*GP*CP*UP*CP*UP*CP*U)-3')"
6 non-polymer 'ZINC ION'
#
loop_
_entity_poly.entity_id
_entity_poly.type
_entity_poly.pdbx_seq_one_letter_code
_entity_poly.pdbx_strand_id
1 'polypeptide(L)'
;MAKQYDSVECPFCDEVSKYEKLAKIGQGTFGEVFKARHRKTGQKVALKKVLMENEKEGFPITALREIKILQLLKHENVVN
LIEICRTKASPYNRCKGSIYLVFDFCEHDLAGLLSNVLVKFTLSEIKRVMQMLLNGLYYIHRNKILHRDMKAANVLITRD
GVLKLADFGLARAFSLAKNSQPNRY(TPO)NRVVTLWYRPPELLLGERDYGPPIDLWGAGCIMAEMWTRSPIMQGNTEQH
QLALISQLCGSITPEVWPNVDNYELYEKLELVKGQKRKVKDRLKAYVRDPYALDLIDKLLVLDPAQRIDSDDALNHDFFW
SDPMPSDLKGMLST
;
A
2 'polypeptide(L)'
;MEGERKNNNKRWYFTREQLENSPSRRFGVDPDKELSYRQQAANLLQDMGQRLNVSQLTINTAIVYMHRFYMIQSFTQFPG
NSVAPAALFLAAKVEEQPKKLEHVIKVAHTCLHPQESLPDTRSEAYLQQVQDLVILESIILQTLGFELTIDHPHTHVVKC
TQLVRASKDLAQTSYFMATNSLHLTTFSLQYTPPVVACVCIHLACKWSNWEIPVSTDGKHWWEYVDATVTLELLDELTHE
FLQILEKTPNRLKRIWNWRACEAA
;
B
3 'polypeptide(L)' SPLFAEPYKVTSKEDKLSSRIQSMLGNYDEMKDFIG C
4 'polypeptide(L)' (ACE)MEPVDPRLEPWKHPGSQPKTACTNCYCKKCCFHCQVCFITKALGISYGRKKRRQRRR D
5 'polyribonucleotide' AGAUCUGAGCCUGGGAGCUCUCU N
#
loop_
_chem_comp.id
_chem_comp.type
_chem_comp.name
_chem_comp.formula
A RNA linking ADENOSINE-5'-MONOPHOSPHATE 'C10 H14 N5 O7 P'
ACE non-polymer 'ACETYL GROUP' 'C2 H4 O'
C RNA linking CYTIDINE-5'-MONOPHOSPHATE 'C9 H14 N3 O8 P'
G RNA linking GUANOSINE-5'-MONOPHOSPHATE 'C10 H14 N5 O8 P'
U RNA linking URIDINE-5'-MONOPHOSPHATE 'C9 H13 N2 O9 P'
ZN non-polymer 'ZINC ION' 'Zn 2'
#
# COMPACT_ATOMS: atom_id res chain seq x y z
N VAL A 8 -13.40 -3.23 26.50
CA VAL A 8 -12.95 -3.17 25.09
C VAL A 8 -11.71 -2.29 24.96
N GLU A 9 -10.54 -2.92 24.96
CA GLU A 9 -9.27 -2.20 24.85
C GLU A 9 -9.17 -1.42 23.55
N CYS A 10 -8.48 -0.28 23.62
CA CYS A 10 -8.28 0.59 22.47
C CYS A 10 -7.38 1.77 22.83
N PRO A 11 -6.11 1.49 23.20
CA PRO A 11 -5.15 2.53 23.57
C PRO A 11 -4.57 3.31 22.40
N PHE A 12 -4.59 2.69 21.21
CA PHE A 12 -4.05 3.34 20.02
C PHE A 12 -5.14 4.00 19.18
N CYS A 13 -6.02 4.73 19.85
CA CYS A 13 -7.10 5.42 19.16
C CYS A 13 -7.92 6.29 20.11
N ASP A 14 -7.39 7.47 20.42
CA ASP A 14 -8.05 8.40 21.32
C ASP A 14 -9.42 8.83 20.79
N GLU A 15 -10.29 9.22 21.70
CA GLU A 15 -11.64 9.65 21.34
C GLU A 15 -11.64 11.08 20.81
N VAL A 16 -12.50 11.35 19.84
CA VAL A 16 -12.61 12.67 19.24
C VAL A 16 -12.98 13.72 20.28
N SER A 17 -13.43 13.26 21.44
CA SER A 17 -13.83 14.14 22.53
C SER A 17 -12.69 15.05 22.97
N LYS A 18 -11.46 14.65 22.63
CA LYS A 18 -10.28 15.44 22.98
C LYS A 18 -10.23 16.76 22.23
N TYR A 19 -11.07 16.88 21.20
CA TYR A 19 -11.14 18.09 20.40
C TYR A 19 -12.48 18.81 20.56
N GLU A 20 -12.46 20.11 20.33
CA GLU A 20 -13.67 20.93 20.45
C GLU A 20 -14.07 21.56 19.12
N LYS A 21 -15.13 21.04 18.53
CA LYS A 21 -15.64 21.55 17.26
C LYS A 21 -16.00 23.03 17.35
N LEU A 22 -15.66 23.78 16.31
CA LEU A 22 -15.94 25.21 16.28
C LEU A 22 -16.89 25.60 15.16
N ALA A 23 -16.55 25.21 13.93
CA ALA A 23 -17.38 25.53 12.77
C ALA A 23 -17.39 24.40 11.76
N LYS A 24 -18.19 24.59 10.71
CA LYS A 24 -18.31 23.59 9.65
C LYS A 24 -17.42 23.93 8.45
N ILE A 25 -16.90 22.90 7.80
CA ILE A 25 -16.03 23.09 6.65
C ILE A 25 -16.30 22.03 5.58
N GLY A 26 -16.01 22.37 4.32
CA GLY A 26 -16.22 21.44 3.23
C GLY A 26 -17.68 21.07 3.06
N GLY A 31 -21.76 17.99 6.92
CA GLY A 31 -21.11 17.55 8.13
C GLY A 31 -19.97 16.60 7.87
N GLU A 32 -18.97 17.06 7.11
CA GLU A 32 -17.82 16.23 6.77
C GLU A 32 -16.55 16.74 7.45
N VAL A 33 -16.16 17.97 7.12
CA VAL A 33 -14.96 18.57 7.68
C VAL A 33 -15.31 19.69 8.66
N PHE A 34 -14.65 19.67 9.82
CA PHE A 34 -14.89 20.68 10.85
C PHE A 34 -13.59 21.27 11.37
N LYS A 35 -13.71 22.44 11.99
CA LYS A 35 -12.54 23.14 12.56
C LYS A 35 -12.58 23.06 14.08
N ALA A 36 -11.79 22.15 14.65
CA ALA A 36 -11.75 21.98 16.10
C ALA A 36 -10.40 22.38 16.69
N ARG A 37 -10.38 22.48 18.01
CA ARG A 37 -9.18 22.85 18.75
C ARG A 37 -8.98 21.93 19.95
N HIS A 38 -7.74 21.50 20.16
CA HIS A 38 -7.43 20.62 21.28
C HIS A 38 -7.82 21.27 22.60
N ARG A 39 -8.66 20.58 23.37
CA ARG A 39 -9.13 21.08 24.66
C ARG A 39 -8.01 21.43 25.62
N LYS A 40 -6.89 20.73 25.53
CA LYS A 40 -5.76 20.98 26.43
C LYS A 40 -4.72 21.91 25.83
N THR A 41 -4.12 21.51 24.72
CA THR A 41 -3.10 22.32 24.06
C THR A 41 -3.68 23.55 23.38
N GLY A 42 -4.90 23.43 22.87
CA GLY A 42 -5.54 24.53 22.20
C GLY A 42 -5.15 24.60 20.73
N GLN A 43 -4.44 23.59 20.27
CA GLN A 43 -3.98 23.52 18.88
C GLN A 43 -5.16 23.43 17.91
N LYS A 44 -5.07 24.16 16.81
CA LYS A 44 -6.12 24.17 15.80
C LYS A 44 -5.92 23.04 14.80
N VAL A 45 -6.98 22.27 14.55
CA VAL A 45 -6.91 21.15 13.64
C VAL A 45 -8.15 21.04 12.75
N ALA A 46 -8.06 20.20 11.73
CA ALA A 46 -9.16 19.97 10.80
C ALA A 46 -9.66 18.53 10.89
N LEU A 47 -10.90 18.37 11.33
CA LEU A 47 -11.49 17.05 11.47
C LEU A 47 -12.27 16.63 10.23
N LYS A 48 -11.82 15.54 9.61
CA LYS A 48 -12.46 15.00 8.43
C LYS A 48 -13.12 13.66 8.71
N LYS A 49 -14.44 13.67 8.80
CA LYS A 49 -15.21 12.46 9.09
C LYS A 49 -15.26 11.51 7.90
N VAL A 50 -15.01 10.23 8.17
CA VAL A 50 -15.04 9.21 7.13
C VAL A 50 -16.47 8.90 6.71
N LEU A 51 -16.75 9.12 5.43
CA LEU A 51 -18.08 8.89 4.88
C LEU A 51 -18.36 7.39 4.70
N MET A 52 -18.84 6.76 5.76
CA MET A 52 -19.16 5.34 5.70
C MET A 52 -20.62 5.11 5.31
N GLU A 53 -21.07 5.87 4.32
CA GLU A 53 -22.43 5.78 3.82
C GLU A 53 -22.63 4.50 3.02
N ASN A 54 -21.57 4.08 2.34
CA ASN A 54 -21.62 2.87 1.53
C ASN A 54 -20.96 1.69 2.26
N GLU A 55 -21.65 1.22 3.30
CA GLU A 55 -21.15 0.10 4.10
C GLU A 55 -21.35 -1.24 3.40
N LYS A 56 -21.31 -1.22 2.07
CA LYS A 56 -21.50 -2.44 1.29
C LYS A 56 -20.22 -3.27 1.26
N GLU A 57 -19.08 -2.58 1.35
CA GLU A 57 -17.78 -3.24 1.33
C GLU A 57 -16.94 -2.82 2.54
N GLY A 58 -17.58 -2.71 3.69
CA GLY A 58 -16.87 -2.32 4.90
C GLY A 58 -16.24 -0.95 4.80
N PHE A 59 -15.09 -0.78 5.44
CA PHE A 59 -14.39 0.49 5.41
C PHE A 59 -13.95 0.85 3.99
N PRO A 60 -14.43 1.99 3.47
CA PRO A 60 -14.10 2.45 2.12
C PRO A 60 -12.61 2.38 1.79
N ILE A 61 -12.29 1.68 0.71
CA ILE A 61 -10.90 1.53 0.27
C ILE A 61 -10.28 2.90 -0.01
N THR A 62 -11.13 3.86 -0.36
CA THR A 62 -10.69 5.22 -0.65
C THR A 62 -10.04 5.84 0.58
N ALA A 63 -10.62 5.56 1.74
CA ALA A 63 -10.10 6.09 3.00
C ALA A 63 -8.78 5.43 3.37
N LEU A 64 -8.72 4.12 3.20
CA LEU A 64 -7.51 3.35 3.50
C LEU A 64 -6.30 3.92 2.77
N ARG A 65 -6.49 4.20 1.49
CA ARG A 65 -5.42 4.75 0.66
C ARG A 65 -4.96 6.11 1.18
N GLU A 66 -5.91 7.03 1.33
CA GLU A 66 -5.61 8.36 1.84
C GLU A 66 -4.80 8.29 3.12
N ILE A 67 -5.28 7.47 4.06
CA ILE A 67 -4.61 7.29 5.34
C ILE A 67 -3.23 6.66 5.17
N LYS A 68 -3.17 5.63 4.32
CA LYS A 68 -1.93 4.93 4.06
C LYS A 68 -0.91 5.81 3.35
N ILE A 69 -1.40 6.75 2.55
CA ILE A 69 -0.53 7.66 1.81
C ILE A 69 -0.06 8.82 2.67
N LEU A 70 -0.99 9.42 3.41
CA LEU A 70 -0.66 10.55 4.29
C LEU A 70 0.42 10.18 5.30
N GLN A 71 0.36 8.95 5.80
CA GLN A 71 1.33 8.47 6.77
C GLN A 71 2.71 8.31 6.13
N LEU A 72 2.73 8.31 4.80
CA LEU A 72 3.98 8.15 4.05
C LEU A 72 4.53 9.50 3.60
N LEU A 73 3.68 10.28 2.94
CA LEU A 73 4.08 11.60 2.44
C LEU A 73 4.26 12.61 3.56
N LYS A 74 5.45 13.22 3.59
CA LYS A 74 5.78 14.22 4.60
C LYS A 74 6.66 15.32 4.01
N HIS A 75 6.02 16.28 3.34
CA HIS A 75 6.74 17.38 2.71
C HIS A 75 6.26 18.73 3.23
N GLU A 76 7.12 19.75 3.12
CA GLU A 76 6.80 21.09 3.57
C GLU A 76 5.70 21.73 2.71
N ASN A 77 5.28 21.00 1.68
CA ASN A 77 4.24 21.49 0.78
C ASN A 77 3.05 20.52 0.73
N VAL A 78 3.01 19.59 1.67
CA VAL A 78 1.94 18.62 1.74
C VAL A 78 1.29 18.60 3.13
N VAL A 79 -0.04 18.57 3.14
CA VAL A 79 -0.79 18.56 4.39
C VAL A 79 -0.30 17.42 5.31
N ASN A 80 -0.21 17.73 6.60
CA ASN A 80 0.24 16.76 7.59
C ASN A 80 -0.92 16.11 8.33
N LEU A 81 -0.86 14.78 8.45
CA LEU A 81 -1.89 14.03 9.15
C LEU A 81 -1.49 13.74 10.59
N ILE A 82 -2.10 14.48 11.51
CA ILE A 82 -1.80 14.31 12.94
C ILE A 82 -2.12 12.91 13.43
N GLU A 83 -3.40 12.57 13.47
CA GLU A 83 -3.83 11.25 13.92
C GLU A 83 -5.22 10.89 13.42
N ILE A 84 -5.78 9.83 14.00
CA ILE A 84 -7.11 9.36 13.63
C ILE A 84 -7.93 9.01 14.87
N CYS A 85 -8.98 9.79 15.12
CA CYS A 85 -9.83 9.57 16.27
C CYS A 85 -11.08 8.76 15.93
N ARG A 86 -11.87 8.46 16.95
CA ARG A 86 -13.10 7.69 16.78
C ARG A 86 -14.24 8.27 17.62
N THR A 87 -15.33 7.52 17.71
CA THR A 87 -16.50 7.96 18.48
C THR A 87 -17.04 6.83 19.35
N LYS A 88 -17.38 7.17 20.59
CA LYS A 88 -17.92 6.19 21.53
C LYS A 88 -19.28 5.68 21.06
N GLY A 97 -18.41 2.54 15.30
CA GLY A 97 -18.36 3.99 15.39
C GLY A 97 -17.77 4.63 14.15
N SER A 98 -17.83 5.96 14.09
CA SER A 98 -17.30 6.69 12.95
C SER A 98 -15.82 7.00 13.12
N ILE A 99 -15.15 7.30 12.00
CA ILE A 99 -13.73 7.61 12.02
C ILE A 99 -13.46 9.07 11.67
N TYR A 100 -12.47 9.66 12.31
CA TYR A 100 -12.10 11.05 12.08
C TYR A 100 -10.62 11.22 11.78
N LEU A 101 -10.32 11.93 10.70
CA LEU A 101 -8.94 12.19 10.31
C LEU A 101 -8.53 13.61 10.70
N VAL A 102 -7.51 13.71 11.55
CA VAL A 102 -7.03 15.00 12.01
C VAL A 102 -5.88 15.54 11.18
N PHE A 103 -6.02 16.79 10.76
CA PHE A 103 -5.00 17.47 9.96
C PHE A 103 -4.64 18.81 10.58
N ASP A 104 -3.52 19.38 10.13
CA ASP A 104 -3.09 20.68 10.63
C ASP A 104 -3.87 21.80 9.96
N PHE A 105 -4.84 22.34 10.70
CA PHE A 105 -5.70 23.41 10.21
C PHE A 105 -4.99 24.42 9.31
N CYS A 106 -5.67 24.81 8.24
CA CYS A 106 -5.16 25.79 7.29
C CYS A 106 -6.11 26.98 7.21
N GLU A 107 -5.59 28.15 7.56
CA GLU A 107 -6.39 29.37 7.56
C GLU A 107 -7.07 29.67 6.24
N HIS A 108 -6.29 29.71 5.16
CA HIS A 108 -6.85 30.02 3.84
C HIS A 108 -6.83 28.84 2.88
N ASP A 109 -7.36 29.08 1.69
CA ASP A 109 -7.43 28.10 0.61
C ASP A 109 -7.45 28.81 -0.73
N LEU A 110 -6.49 28.47 -1.59
CA LEU A 110 -6.36 29.08 -2.91
C LEU A 110 -7.72 29.42 -3.54
N ALA A 111 -8.66 28.49 -3.43
CA ALA A 111 -9.99 28.69 -4.00
C ALA A 111 -10.68 29.91 -3.41
N GLY A 112 -10.72 29.97 -2.08
CA GLY A 112 -11.36 31.09 -1.40
C GLY A 112 -10.69 32.43 -1.66
N LEU A 113 -9.36 32.45 -1.63
CA LEU A 113 -8.61 33.68 -1.85
C LEU A 113 -8.89 34.28 -3.22
N LEU A 114 -8.87 33.43 -4.25
CA LEU A 114 -9.12 33.88 -5.62
C LEU A 114 -10.55 34.41 -5.78
N SER A 115 -11.45 33.95 -4.93
CA SER A 115 -12.84 34.38 -4.97
C SER A 115 -13.01 35.78 -4.40
N ASN A 116 -12.15 36.13 -3.45
CA ASN A 116 -12.21 37.45 -2.80
C ASN A 116 -11.50 38.50 -3.65
N VAL A 117 -12.20 39.59 -3.92
CA VAL A 117 -11.65 40.69 -4.73
C VAL A 117 -10.62 41.51 -3.96
N LEU A 118 -10.86 41.69 -2.67
CA LEU A 118 -9.95 42.45 -1.82
C LEU A 118 -8.53 41.90 -1.85
N VAL A 119 -8.41 40.62 -2.22
CA VAL A 119 -7.11 39.96 -2.29
C VAL A 119 -6.37 40.34 -3.57
N LYS A 120 -5.10 40.72 -3.42
CA LYS A 120 -4.28 41.11 -4.56
C LYS A 120 -3.02 40.24 -4.68
N PHE A 121 -2.84 39.66 -5.87
CA PHE A 121 -1.69 38.81 -6.14
C PHE A 121 -0.71 39.47 -7.10
N THR A 122 0.52 39.68 -6.63
CA THR A 122 1.55 40.28 -7.46
C THR A 122 2.28 39.21 -8.28
N LEU A 123 2.79 39.61 -9.43
CA LEU A 123 3.50 38.68 -10.31
C LEU A 123 4.54 37.87 -9.55
N SER A 124 5.10 38.48 -8.50
CA SER A 124 6.11 37.81 -7.69
C SER A 124 5.49 36.77 -6.77
N GLU A 125 4.40 37.12 -6.13
CA GLU A 125 3.71 36.22 -5.22
C GLU A 125 3.09 35.05 -5.96
N ILE A 126 2.58 35.31 -7.16
CA ILE A 126 1.96 34.27 -7.98
C ILE A 126 2.95 33.17 -8.32
N LYS A 127 4.18 33.57 -8.66
CA LYS A 127 5.23 32.62 -9.00
C LYS A 127 5.57 31.73 -7.82
N ARG A 128 5.48 32.29 -6.62
CA ARG A 128 5.76 31.54 -5.41
C ARG A 128 4.70 30.48 -5.14
N VAL A 129 3.45 30.84 -5.42
CA VAL A 129 2.33 29.93 -5.22
C VAL A 129 2.47 28.69 -6.08
N MET A 130 2.77 28.90 -7.36
CA MET A 130 2.95 27.80 -8.30
C MET A 130 4.23 27.03 -8.01
N GLN A 131 5.27 27.74 -7.58
CA GLN A 131 6.54 27.12 -7.27
C GLN A 131 6.37 26.07 -6.17
N MET A 132 5.57 26.41 -5.16
CA MET A 132 5.30 25.51 -4.06
C MET A 132 4.36 24.39 -4.48
N LEU A 133 3.42 24.75 -5.36
CA LEU A 133 2.45 23.79 -5.88
C LEU A 133 3.14 22.69 -6.66
N LEU A 134 3.94 23.08 -7.64
CA LEU A 134 4.67 22.13 -8.46
C LEU A 134 5.68 21.36 -7.63
N ASN A 135 6.29 22.05 -6.66
CA ASN A 135 7.27 21.42 -5.79
C ASN A 135 6.62 20.34 -4.95
N GLY A 136 5.32 20.50 -4.70
CA GLY A 136 4.58 19.52 -3.93
C GLY A 136 4.26 18.31 -4.79
N LEU A 137 3.89 18.57 -6.04
CA LEU A 137 3.57 17.50 -6.98
C LEU A 137 4.78 16.63 -7.23
N TYR A 138 5.95 17.27 -7.33
CA TYR A 138 7.19 16.56 -7.56
C TYR A 138 7.43 15.51 -6.49
N TYR A 139 7.09 15.85 -5.26
CA TYR A 139 7.25 14.94 -4.13
C TYR A 139 6.32 13.74 -4.23
N ILE A 140 5.02 14.00 -4.25
CA ILE A 140 4.02 12.95 -4.35
C ILE A 140 4.26 12.05 -5.56
N HIS A 141 4.70 12.64 -6.66
CA HIS A 141 4.97 11.90 -7.88
C HIS A 141 6.22 11.05 -7.74
N ARG A 142 7.24 11.61 -7.08
CA ARG A 142 8.49 10.89 -6.87
C ARG A 142 8.26 9.68 -5.96
N ASN A 143 7.29 9.81 -5.07
CA ASN A 143 6.95 8.73 -4.14
C ASN A 143 5.96 7.77 -4.76
N LYS A 144 5.72 7.94 -6.06
CA LYS A 144 4.79 7.09 -6.79
C LYS A 144 3.35 7.23 -6.29
N ILE A 145 2.85 8.46 -6.32
CA ILE A 145 1.49 8.76 -5.88
C ILE A 145 0.80 9.75 -6.81
N LEU A 146 -0.48 9.51 -7.07
CA LEU A 146 -1.29 10.37 -7.92
C LEU A 146 -2.43 11.00 -7.15
N HIS A 147 -2.51 12.33 -7.19
CA HIS A 147 -3.56 13.06 -6.50
C HIS A 147 -4.93 12.79 -7.12
N ARG A 148 -4.99 12.89 -8.45
CA ARG A 148 -6.21 12.67 -9.20
C ARG A 148 -7.38 13.49 -8.68
N ASP A 149 -7.12 14.76 -8.37
CA ASP A 149 -8.15 15.66 -7.87
C ASP A 149 -7.60 17.05 -7.61
N MET A 150 -6.83 17.56 -8.57
CA MET A 150 -6.23 18.88 -8.45
C MET A 150 -7.21 20.01 -8.75
N LYS A 151 -7.31 20.94 -7.81
CA LYS A 151 -8.21 22.09 -7.95
C LYS A 151 -7.95 23.12 -6.84
N ALA A 152 -8.22 24.38 -7.14
CA ALA A 152 -8.01 25.46 -6.19
C ALA A 152 -8.65 25.17 -4.84
N ALA A 153 -9.65 24.30 -4.84
CA ALA A 153 -10.35 23.94 -3.61
C ALA A 153 -9.48 23.10 -2.68
N ASN A 154 -8.66 22.24 -3.26
CA ASN A 154 -7.79 21.37 -2.49
C ASN A 154 -6.42 21.99 -2.23
N VAL A 155 -6.25 23.23 -2.69
CA VAL A 155 -4.98 23.93 -2.51
C VAL A 155 -5.06 24.87 -1.31
N LEU A 156 -4.57 24.40 -0.17
CA LEU A 156 -4.59 25.18 1.06
C LEU A 156 -3.34 26.03 1.23
N ILE A 157 -3.45 27.07 2.06
CA ILE A 157 -2.35 27.97 2.33
C ILE A 157 -2.31 28.37 3.81
N THR A 158 -1.25 27.94 4.50
CA THR A 158 -1.09 28.23 5.92
C THR A 158 -1.12 29.73 6.22
N ARG A 159 -1.09 30.06 7.51
CA ARG A 159 -1.12 31.45 7.95
C ARG A 159 0.18 32.17 7.64
N ASP A 160 1.24 31.39 7.42
CA ASP A 160 2.55 31.95 7.12
C ASP A 160 2.81 32.03 5.63
N GLY A 161 1.77 31.73 4.84
CA GLY A 161 1.90 31.78 3.40
C GLY A 161 2.61 30.56 2.82
N VAL A 162 2.22 29.38 3.29
CA VAL A 162 2.83 28.14 2.82
C VAL A 162 1.79 27.22 2.19
N LEU A 163 1.87 27.05 0.88
CA LEU A 163 0.93 26.20 0.15
C LEU A 163 0.99 24.77 0.67
N LYS A 164 -0.19 24.13 0.75
CA LYS A 164 -0.29 22.76 1.23
C LYS A 164 -1.30 21.96 0.43
N LEU A 165 -0.85 20.84 -0.13
CA LEU A 165 -1.72 19.97 -0.90
C LEU A 165 -2.53 19.07 0.03
N ALA A 166 -3.86 19.18 -0.04
CA ALA A 166 -4.73 18.39 0.82
C ALA A 166 -5.76 17.60 0.03
N ASP A 167 -6.58 16.86 0.76
CA ASP A 167 -7.65 16.05 0.18
C ASP A 167 -7.10 15.00 -0.80
N PHE A 168 -6.51 13.95 -0.25
CA PHE A 168 -5.96 12.87 -1.06
C PHE A 168 -6.90 11.68 -1.13
N GLY A 169 -8.20 11.95 -1.01
CA GLY A 169 -9.18 10.89 -1.07
C GLY A 169 -9.08 10.11 -2.36
N LEU A 170 -9.20 10.81 -3.48
CA LEU A 170 -9.11 10.19 -4.79
C LEU A 170 -7.66 9.99 -5.23
N ALA A 171 -6.77 9.95 -4.25
CA ALA A 171 -5.35 9.76 -4.52
C ALA A 171 -4.92 8.32 -4.29
N ARG A 172 -3.97 7.86 -5.10
CA ARG A 172 -3.46 6.49 -4.99
C ARG A 172 -2.02 6.39 -5.47
N ALA A 173 -1.53 5.17 -5.58
CA ALA A 173 -0.16 4.92 -6.04
C ALA A 173 -0.16 4.21 -7.38
N PHE A 174 0.61 4.77 -8.33
CA PHE A 174 0.71 4.18 -9.66
C PHE A 174 2.00 3.37 -9.82
N SER A 175 2.18 2.80 -11.01
CA SER A 175 3.36 2.01 -11.30
C SER A 175 4.08 2.51 -12.54
N LEU A 176 5.37 2.20 -12.63
CA LEU A 176 6.19 2.62 -13.76
C LEU A 176 6.18 1.59 -14.88
N ALA A 177 5.03 0.96 -15.09
CA ALA A 177 4.82 -0.06 -16.12
C ALA A 177 6.13 -0.73 -16.56
N LYS A 178 6.36 -1.94 -16.06
CA LYS A 178 7.56 -2.69 -16.40
C LYS A 178 7.61 -3.10 -17.87
N ASN A 179 7.54 -2.10 -18.75
CA ASN A 179 7.60 -2.31 -20.19
C ASN A 179 6.78 -3.52 -20.63
N SER A 180 5.63 -3.70 -19.98
CA SER A 180 4.75 -4.83 -20.31
C SER A 180 3.29 -4.40 -20.28
N GLN A 181 2.41 -5.35 -19.93
CA GLN A 181 0.99 -5.09 -19.86
C GLN A 181 0.67 -3.85 -19.03
N PRO A 182 0.13 -2.81 -19.68
CA PRO A 182 -0.23 -1.54 -19.03
C PRO A 182 -1.14 -1.73 -17.81
N ASN A 183 -1.39 -0.63 -17.11
CA ASN A 183 -2.23 -0.65 -15.92
C ASN A 183 -3.69 -0.33 -16.28
N ARG A 184 -4.59 -0.62 -15.36
CA ARG A 184 -6.01 -0.36 -15.57
C ARG A 184 -6.64 0.35 -14.37
N TYR A 185 -6.19 1.58 -14.12
CA TYR A 185 -6.70 2.37 -13.02
C TYR A 185 -8.12 2.83 -13.28
N TPO A 186 -8.68 3.58 -12.33
CA TPO A 186 -10.03 4.11 -12.46
CB TPO A 186 -10.37 4.62 -11.06
CG2 TPO A 186 -11.80 5.17 -11.03
OG1 TPO A 186 -10.35 3.54 -10.13
P TPO A 186 -8.92 3.03 -9.56
O1P TPO A 186 -8.24 1.69 -10.06
O2P TPO A 186 -8.48 3.62 -8.13
O3P TPO A 186 -9.94 2.04 -8.81
C TPO A 186 -10.07 5.26 -13.46
O TPO A 186 -9.25 6.17 -13.41
N ASN A 187 -11.03 5.21 -14.37
CA ASN A 187 -11.18 6.24 -15.39
C ASN A 187 -11.86 7.50 -14.85
N ARG A 188 -13.03 7.31 -14.24
CA ARG A 188 -13.79 8.42 -13.69
C ARG A 188 -13.13 9.03 -12.44
N VAL A 189 -12.17 9.91 -12.69
CA VAL A 189 -11.44 10.57 -11.61
C VAL A 189 -11.21 12.05 -11.92
N VAL A 190 -10.85 12.82 -10.89
CA VAL A 190 -10.60 14.24 -11.03
C VAL A 190 -11.86 15.00 -11.44
N THR A 191 -12.01 16.21 -10.91
CA THR A 191 -13.16 17.05 -11.22
C THR A 191 -13.29 17.27 -12.72
N LEU A 192 -14.52 17.22 -13.21
CA LEU A 192 -14.79 17.42 -14.64
C LEU A 192 -14.10 18.67 -15.19
N TRP A 193 -14.11 19.74 -14.41
CA TRP A 193 -13.50 21.00 -14.82
C TRP A 193 -11.97 20.90 -14.89
N TYR A 194 -11.39 20.10 -13.99
CA TYR A 194 -9.95 19.94 -13.95
C TYR A 194 -9.50 18.58 -14.46
N ARG A 195 -10.38 17.92 -15.21
CA ARG A 195 -10.06 16.61 -15.77
C ARG A 195 -9.36 16.71 -17.12
N PRO A 196 -8.20 16.05 -17.26
CA PRO A 196 -7.43 16.05 -18.50
C PRO A 196 -8.10 15.31 -19.65
N PRO A 197 -7.70 15.60 -20.90
CA PRO A 197 -8.25 14.99 -22.11
C PRO A 197 -8.22 13.46 -22.10
N GLU A 198 -7.04 12.89 -21.84
CA GLU A 198 -6.88 11.43 -21.82
C GLU A 198 -7.98 10.73 -21.03
N LEU A 199 -8.28 11.25 -19.84
CA LEU A 199 -9.31 10.67 -19.00
C LEU A 199 -10.69 10.73 -19.66
N LEU A 200 -10.92 11.79 -20.42
CA LEU A 200 -12.19 11.98 -21.10
C LEU A 200 -12.30 11.13 -22.36
N LEU A 201 -11.21 10.47 -22.73
CA LEU A 201 -11.20 9.63 -23.92
C LEU A 201 -11.26 8.14 -23.57
N GLY A 202 -11.18 7.84 -22.28
CA GLY A 202 -11.24 6.47 -21.84
C GLY A 202 -9.87 5.87 -21.51
N GLU A 203 -8.96 6.72 -21.05
CA GLU A 203 -7.62 6.26 -20.70
C GLU A 203 -7.55 5.78 -19.26
N ARG A 204 -7.10 4.54 -19.08
CA ARG A 204 -6.99 3.95 -17.76
C ARG A 204 -5.54 3.73 -17.36
N ASP A 205 -4.64 3.83 -18.34
CA ASP A 205 -3.21 3.67 -18.10
C ASP A 205 -2.51 5.01 -18.09
N TYR A 206 -3.04 5.93 -17.29
CA TYR A 206 -2.49 7.27 -17.16
C TYR A 206 -1.40 7.35 -16.10
N GLY A 207 -1.00 8.58 -15.76
CA GLY A 207 0.03 8.78 -14.77
C GLY A 207 0.06 10.20 -14.22
N PRO A 208 1.21 10.67 -13.76
CA PRO A 208 1.40 12.02 -13.20
C PRO A 208 0.84 13.17 -14.05
N PRO A 209 1.04 13.12 -15.38
CA PRO A 209 0.54 14.18 -16.27
C PRO A 209 -0.88 14.66 -15.99
N ILE A 210 -1.72 13.77 -15.47
CA ILE A 210 -3.10 14.11 -15.17
C ILE A 210 -3.20 15.18 -14.08
N ASP A 211 -2.24 15.15 -13.15
CA ASP A 211 -2.22 16.10 -12.04
C ASP A 211 -1.79 17.49 -12.50
N LEU A 212 -0.76 17.53 -13.33
CA LEU A 212 -0.24 18.80 -13.84
C LEU A 212 -1.28 19.55 -14.65
N TRP A 213 -2.09 18.82 -15.41
CA TRP A 213 -3.13 19.45 -16.22
C TRP A 213 -4.02 20.32 -15.34
N GLY A 214 -4.27 19.84 -14.12
CA GLY A 214 -5.08 20.59 -13.19
C GLY A 214 -4.29 21.80 -12.73
N ALA A 215 -3.00 21.60 -12.52
CA ALA A 215 -2.11 22.67 -12.08
C ALA A 215 -2.09 23.80 -13.10
N GLY A 216 -2.14 23.42 -14.38
CA GLY A 216 -2.14 24.40 -15.45
C GLY A 216 -3.44 25.19 -15.42
N CYS A 217 -4.53 24.50 -15.11
CA CYS A 217 -5.84 25.13 -15.03
C CYS A 217 -5.94 26.01 -13.79
N ILE A 218 -5.20 25.63 -12.75
CA ILE A 218 -5.19 26.37 -11.50
C ILE A 218 -4.36 27.64 -11.63
N MET A 219 -3.23 27.54 -12.34
CA MET A 219 -2.36 28.69 -12.54
C MET A 219 -3.04 29.74 -13.40
N ALA A 220 -3.99 29.30 -14.22
CA ALA A 220 -4.74 30.19 -15.09
C ALA A 220 -5.78 30.97 -14.31
N GLU A 221 -6.24 30.37 -13.21
CA GLU A 221 -7.23 31.00 -12.35
C GLU A 221 -6.60 32.07 -11.46
N MET A 222 -5.27 32.06 -11.39
CA MET A 222 -4.54 33.03 -10.59
C MET A 222 -4.70 34.44 -11.16
N TRP A 223 -5.20 34.52 -12.38
CA TRP A 223 -5.42 35.78 -13.06
C TRP A 223 -6.87 35.94 -13.51
N THR A 224 -7.53 34.81 -13.72
CA THR A 224 -8.93 34.81 -14.15
C THR A 224 -9.88 34.74 -12.95
N ARG A 225 -9.35 34.28 -11.82
CA ARG A 225 -10.12 34.15 -10.60
C ARG A 225 -11.37 33.31 -10.80
N SER A 226 -11.29 32.38 -11.75
CA SER A 226 -12.41 31.49 -12.06
C SER A 226 -12.01 30.40 -13.06
N PRO A 227 -12.58 29.19 -12.90
CA PRO A 227 -12.28 28.07 -13.79
C PRO A 227 -12.38 28.45 -15.27
N ILE A 228 -11.27 28.27 -15.98
CA ILE A 228 -11.23 28.60 -17.41
C ILE A 228 -12.14 27.70 -18.23
N MET A 229 -12.31 26.46 -17.76
CA MET A 229 -13.17 25.50 -18.46
C MET A 229 -14.22 24.91 -17.54
N GLN A 230 -15.43 25.46 -17.59
CA GLN A 230 -16.53 25.00 -16.76
C GLN A 230 -17.56 24.23 -17.58
N GLY A 231 -17.34 22.93 -17.71
CA GLY A 231 -18.26 22.10 -18.47
C GLY A 231 -19.31 21.46 -17.59
N ASN A 232 -20.47 21.18 -18.17
CA ASN A 232 -21.57 20.56 -17.42
C ASN A 232 -21.57 19.05 -17.58
N THR A 233 -20.97 18.58 -18.66
CA THR A 233 -20.90 17.14 -18.94
C THR A 233 -19.51 16.75 -19.45
N GLU A 234 -19.28 15.44 -19.56
CA GLU A 234 -18.01 14.93 -20.04
C GLU A 234 -17.72 15.37 -21.46
N GLN A 235 -18.73 15.26 -22.32
CA GLN A 235 -18.58 15.65 -23.72
C GLN A 235 -18.44 17.16 -23.84
N HIS A 236 -19.20 17.89 -23.02
CA HIS A 236 -19.15 19.34 -23.03
C HIS A 236 -17.75 19.82 -22.66
N GLN A 237 -17.15 19.12 -21.70
CA GLN A 237 -15.81 19.45 -21.24
C GLN A 237 -14.81 19.35 -22.39
N LEU A 238 -14.91 18.28 -23.15
CA LEU A 238 -14.04 18.07 -24.30
C LEU A 238 -14.20 19.18 -25.32
N ALA A 239 -15.45 19.61 -25.52
CA ALA A 239 -15.74 20.67 -26.47
C ALA A 239 -15.02 21.96 -26.10
N LEU A 240 -15.08 22.29 -24.81
CA LEU A 240 -14.42 23.50 -24.30
C LEU A 240 -12.91 23.40 -24.44
N ILE A 241 -12.38 22.21 -24.13
CA ILE A 241 -10.94 21.96 -24.22
C ILE A 241 -10.47 22.03 -25.67
N SER A 242 -11.34 21.62 -26.59
CA SER A 242 -11.03 21.63 -28.01
C SER A 242 -11.09 23.04 -28.59
N GLN A 243 -11.92 23.88 -28.00
CA GLN A 243 -12.06 25.27 -28.45
C GLN A 243 -10.94 26.15 -27.91
N LEU A 244 -10.31 25.70 -26.83
CA LEU A 244 -9.22 26.45 -26.21
C LEU A 244 -7.86 25.87 -26.56
N CYS A 245 -7.67 24.59 -26.26
CA CYS A 245 -6.40 23.91 -26.54
C CYS A 245 -6.29 23.49 -28.00
N GLY A 246 -7.41 23.56 -28.71
CA GLY A 246 -7.42 23.19 -30.11
C GLY A 246 -8.06 21.83 -30.35
N SER A 247 -8.33 21.51 -31.62
CA SER A 247 -8.94 20.24 -31.98
C SER A 247 -8.01 19.07 -31.73
N ILE A 248 -8.57 17.97 -31.23
CA ILE A 248 -7.79 16.77 -30.95
C ILE A 248 -7.55 15.96 -32.22
N THR A 249 -6.33 16.01 -32.73
CA THR A 249 -5.97 15.29 -33.94
C THR A 249 -4.71 14.45 -33.75
N PRO A 250 -4.62 13.32 -34.48
CA PRO A 250 -3.46 12.42 -34.39
C PRO A 250 -2.13 13.14 -34.59
N GLU A 251 -2.17 14.21 -35.37
CA GLU A 251 -0.96 14.99 -35.64
C GLU A 251 -0.35 15.54 -34.36
N VAL A 252 -1.16 16.23 -33.57
CA VAL A 252 -0.71 16.80 -32.31
C VAL A 252 -0.76 15.77 -31.19
N TRP A 253 -1.59 14.75 -31.38
CA TRP A 253 -1.74 13.69 -30.39
C TRP A 253 -1.59 12.31 -31.06
N PRO A 254 -0.34 11.87 -31.25
CA PRO A 254 -0.08 10.56 -31.88
C PRO A 254 -0.80 9.40 -31.18
N ASN A 255 -1.36 8.52 -32.00
CA ASN A 255 -2.07 7.34 -31.50
C ASN A 255 -3.32 7.68 -30.69
N VAL A 256 -3.85 8.89 -30.89
CA VAL A 256 -5.04 9.32 -30.17
C VAL A 256 -6.29 8.64 -30.75
N ASP A 257 -6.16 8.15 -31.97
CA ASP A 257 -7.26 7.48 -32.64
C ASP A 257 -7.55 6.10 -32.07
N ASN A 258 -6.55 5.53 -31.40
CA ASN A 258 -6.71 4.20 -30.79
C ASN A 258 -7.80 4.18 -29.74
N TYR A 259 -8.12 5.35 -29.19
CA TYR A 259 -9.16 5.46 -28.17
C TYR A 259 -10.52 5.07 -28.71
N GLU A 260 -11.17 4.14 -28.01
CA GLU A 260 -12.49 3.65 -28.39
C GLU A 260 -13.55 4.75 -28.38
N LEU A 261 -13.18 5.90 -27.82
CA LEU A 261 -14.11 7.03 -27.74
C LEU A 261 -13.72 8.18 -28.67
N TYR A 262 -12.63 8.00 -29.40
CA TYR A 262 -12.16 9.03 -30.33
C TYR A 262 -13.16 9.30 -31.45
N GLU A 263 -13.66 8.23 -32.06
CA GLU A 263 -14.60 8.35 -33.16
C GLU A 263 -16.05 8.35 -32.69
N LYS A 264 -16.30 7.65 -31.57
CA LYS A 264 -17.65 7.57 -31.02
C LYS A 264 -18.09 8.87 -30.38
N LEU A 265 -17.18 9.83 -30.28
CA LEU A 265 -17.48 11.13 -29.70
C LEU A 265 -17.18 12.26 -30.68
N GLU A 266 -18.23 12.96 -31.09
CA GLU A 266 -18.10 14.06 -32.03
C GLU A 266 -17.26 15.20 -31.46
N LEU A 267 -16.04 15.33 -31.97
CA LEU A 267 -15.13 16.37 -31.53
C LEU A 267 -14.80 17.33 -32.67
N VAL A 268 -14.88 18.63 -32.39
CA VAL A 268 -14.60 19.65 -33.39
C VAL A 268 -13.26 19.40 -34.09
N LYS A 269 -13.19 19.79 -35.36
CA LYS A 269 -11.99 19.60 -36.15
C LYS A 269 -11.38 20.92 -36.63
N GLY A 270 -12.21 21.96 -36.65
CA GLY A 270 -11.74 23.26 -37.09
C GLY A 270 -11.06 24.11 -36.04
N GLN A 271 -11.48 23.96 -34.79
CA GLN A 271 -10.90 24.74 -33.69
C GLN A 271 -9.39 24.63 -33.62
N LYS A 272 -8.73 25.77 -33.47
CA LYS A 272 -7.28 25.83 -33.36
C LYS A 272 -6.85 26.19 -31.94
N ARG A 273 -5.56 25.96 -31.65
CA ARG A 273 -5.03 26.26 -30.32
C ARG A 273 -5.02 27.76 -30.06
N LYS A 274 -5.76 28.18 -29.04
CA LYS A 274 -5.85 29.58 -28.67
C LYS A 274 -5.69 29.79 -27.18
N VAL A 275 -4.84 28.97 -26.56
CA VAL A 275 -4.59 29.05 -25.13
C VAL A 275 -4.05 30.42 -24.71
N LYS A 276 -2.98 30.84 -25.37
CA LYS A 276 -2.36 32.13 -25.07
C LYS A 276 -3.23 33.30 -25.51
N ASP A 277 -3.96 33.10 -26.61
CA ASP A 277 -4.83 34.15 -27.14
C ASP A 277 -5.99 34.48 -26.20
N ARG A 278 -6.54 33.45 -25.57
CA ARG A 278 -7.65 33.64 -24.65
C ARG A 278 -7.21 34.18 -23.29
N LEU A 279 -6.07 33.69 -22.81
CA LEU A 279 -5.54 34.13 -21.52
C LEU A 279 -4.56 35.30 -21.68
N LYS A 280 -4.57 35.91 -22.85
CA LYS A 280 -3.69 37.03 -23.15
C LYS A 280 -4.03 38.27 -22.31
N ALA A 281 -5.30 38.65 -22.34
CA ALA A 281 -5.77 39.81 -21.60
C ALA A 281 -5.77 39.60 -20.09
N TYR A 282 -5.60 38.35 -19.67
CA TYR A 282 -5.60 38.04 -18.24
C TYR A 282 -4.18 37.90 -17.68
N VAL A 283 -3.47 36.89 -18.14
CA VAL A 283 -2.10 36.63 -17.70
C VAL A 283 -1.18 37.82 -17.92
N ARG A 284 -1.19 38.35 -19.15
CA ARG A 284 -0.37 39.49 -19.52
C ARG A 284 1.11 39.11 -19.66
N ASP A 285 1.69 38.61 -18.57
CA ASP A 285 3.09 38.21 -18.54
C ASP A 285 3.40 37.15 -19.61
N PRO A 286 4.48 37.39 -20.38
CA PRO A 286 4.92 36.46 -21.43
C PRO A 286 5.24 35.06 -20.92
N TYR A 287 6.28 34.98 -20.08
CA TYR A 287 6.71 33.70 -19.52
C TYR A 287 5.55 32.92 -18.91
N ALA A 288 4.72 33.62 -18.15
CA ALA A 288 3.56 32.99 -17.50
C ALA A 288 2.68 32.27 -18.52
N LEU A 289 2.41 32.94 -19.63
CA LEU A 289 1.59 32.36 -20.69
C LEU A 289 2.24 31.12 -21.30
N ASP A 290 3.55 31.18 -21.49
CA ASP A 290 4.30 30.08 -22.06
C ASP A 290 4.18 28.82 -21.21
N LEU A 291 4.31 28.98 -19.90
CA LEU A 291 4.22 27.86 -18.97
C LEU A 291 2.83 27.23 -19.00
N ILE A 292 1.80 28.07 -18.99
CA ILE A 292 0.42 27.60 -19.01
C ILE A 292 0.14 26.81 -20.30
N ASP A 293 0.78 27.24 -21.38
CA ASP A 293 0.62 26.59 -22.68
C ASP A 293 1.21 25.19 -22.69
N LYS A 294 2.29 25.01 -21.94
CA LYS A 294 2.98 23.73 -21.86
C LYS A 294 2.29 22.78 -20.87
N LEU A 295 1.50 23.36 -19.97
CA LEU A 295 0.78 22.58 -18.98
C LEU A 295 -0.58 22.11 -19.48
N LEU A 296 -1.11 22.86 -20.44
CA LEU A 296 -2.42 22.53 -21.03
C LEU A 296 -2.28 21.80 -22.36
N VAL A 297 -1.24 21.00 -22.49
CA VAL A 297 -1.00 20.26 -23.72
C VAL A 297 -1.91 19.03 -23.81
N LEU A 298 -2.60 18.90 -24.94
CA LEU A 298 -3.52 17.79 -25.17
C LEU A 298 -2.84 16.45 -24.89
N ASP A 299 -1.81 16.14 -25.67
CA ASP A 299 -1.08 14.89 -25.51
C ASP A 299 -0.28 14.88 -24.22
N PRO A 300 -0.59 13.94 -23.30
CA PRO A 300 0.10 13.83 -22.03
C PRO A 300 1.58 13.44 -22.17
N ALA A 301 1.92 12.85 -23.30
CA ALA A 301 3.29 12.44 -23.57
C ALA A 301 4.19 13.65 -23.83
N GLN A 302 3.60 14.72 -24.34
CA GLN A 302 4.33 15.94 -24.64
C GLN A 302 4.10 16.99 -23.55
N ARG A 303 3.23 16.66 -22.61
CA ARG A 303 2.92 17.56 -21.50
C ARG A 303 4.08 17.69 -20.52
N ILE A 304 4.58 18.90 -20.38
CA ILE A 304 5.70 19.18 -19.48
C ILE A 304 5.44 18.63 -18.08
N ASP A 305 6.51 18.14 -17.45
CA ASP A 305 6.41 17.58 -16.11
C ASP A 305 6.72 18.61 -15.02
N SER A 306 6.45 18.25 -13.77
CA SER A 306 6.68 19.13 -12.64
C SER A 306 8.14 19.56 -12.53
N ASP A 307 9.06 18.63 -12.77
CA ASP A 307 10.48 18.90 -12.69
C ASP A 307 10.89 20.02 -13.65
N ASP A 308 10.66 19.80 -14.94
CA ASP A 308 11.00 20.79 -15.96
C ASP A 308 10.19 22.07 -15.81
N ALA A 309 9.05 21.95 -15.14
CA ALA A 309 8.17 23.10 -14.92
C ALA A 309 8.82 24.12 -13.98
N LEU A 310 9.55 23.61 -12.99
CA LEU A 310 10.21 24.46 -12.02
C LEU A 310 11.45 25.13 -12.61
N ASN A 311 11.99 24.52 -13.66
CA ASN A 311 13.18 25.05 -14.33
C ASN A 311 12.81 26.08 -15.40
N HIS A 312 11.51 26.30 -15.57
CA HIS A 312 11.03 27.26 -16.55
C HIS A 312 11.44 28.68 -16.18
N ASP A 313 11.77 29.47 -17.20
CA ASP A 313 12.18 30.86 -17.00
C ASP A 313 11.19 31.64 -16.15
N PHE A 314 9.95 31.17 -16.12
CA PHE A 314 8.90 31.82 -15.35
C PHE A 314 9.26 31.93 -13.87
N PHE A 315 10.05 30.97 -13.38
CA PHE A 315 10.44 30.95 -11.99
C PHE A 315 11.86 31.50 -11.78
N TRP A 316 12.50 31.91 -12.86
CA TRP A 316 13.85 32.46 -12.78
C TRP A 316 14.01 33.75 -13.56
N SER A 317 12.93 34.52 -13.62
CA SER A 317 12.92 35.79 -14.33
C SER A 317 12.29 36.89 -13.48
N ASP A 318 12.90 38.07 -13.52
CA ASP A 318 12.40 39.20 -12.75
C ASP A 318 10.94 39.51 -13.06
N PRO A 319 10.12 39.70 -12.01
CA PRO A 319 10.51 39.62 -10.60
C PRO A 319 10.59 38.19 -10.08
N MET A 320 11.50 37.96 -9.15
CA MET A 320 11.68 36.64 -8.56
C MET A 320 10.63 36.35 -7.49
N PRO A 321 10.28 35.06 -7.32
CA PRO A 321 9.28 34.63 -6.34
C PRO A 321 9.53 35.18 -4.94
N SER A 322 8.44 35.36 -4.19
CA SER A 322 8.52 35.87 -2.84
C SER A 322 7.36 35.37 -1.98
N ASP A 323 7.52 35.44 -0.66
CA ASP A 323 6.48 34.99 0.27
C ASP A 323 5.13 35.62 -0.03
N LEU A 324 4.10 35.12 0.65
CA LEU A 324 2.74 35.62 0.45
C LEU A 324 2.20 36.40 1.66
N LYS A 325 2.99 36.44 2.73
CA LYS A 325 2.59 37.15 3.94
C LYS A 325 2.01 38.53 3.65
N GLY A 326 2.67 39.27 2.77
CA GLY A 326 2.20 40.60 2.43
C GLY A 326 0.78 40.61 1.90
N MET A 327 0.44 39.62 1.08
CA MET A 327 -0.90 39.50 0.51
C MET A 327 -1.93 39.06 1.54
N LEU A 328 -1.54 38.10 2.38
CA LEU A 328 -2.43 37.58 3.41
C LEU A 328 -2.92 38.66 4.37
N SER A 329 -2.25 39.81 4.35
CA SER A 329 -2.62 40.91 5.23
C SER A 329 -3.94 41.57 4.82
N THR A 330 -4.55 41.04 3.76
CA THR A 330 -5.82 41.57 3.27
C THR A 330 -6.87 40.48 3.15
N ASN B 7 9.02 7.14 18.73
CA ASN B 7 9.26 5.69 19.02
C ASN B 7 8.16 4.84 18.41
N ASN B 8 7.96 5.00 17.10
CA ASN B 8 6.94 4.24 16.39
C ASN B 8 7.50 2.93 15.86
N ASN B 9 8.82 2.86 15.74
CA ASN B 9 9.49 1.67 15.24
C ASN B 9 9.46 0.54 16.27
N LYS B 10 9.87 0.86 17.49
CA LYS B 10 9.91 -0.11 18.58
C LYS B 10 8.51 -0.51 19.04
N ARG B 11 7.49 0.06 18.41
CA ARG B 11 6.11 -0.24 18.78
C ARG B 11 5.75 -1.70 18.53
N TRP B 12 5.84 -2.12 17.26
CA TRP B 12 5.50 -3.48 16.89
C TRP B 12 6.69 -4.43 16.95
N TYR B 13 7.59 -4.17 17.91
CA TYR B 13 8.77 -4.99 18.11
C TYR B 13 9.02 -5.21 19.60
N PHE B 14 8.64 -6.39 20.07
CA PHE B 14 8.80 -6.73 21.49
C PHE B 14 9.97 -7.68 21.72
N THR B 15 10.20 -7.99 22.99
CA THR B 15 11.27 -8.88 23.39
C THR B 15 10.71 -10.23 23.84
N ARG B 16 11.60 -11.20 24.09
CA ARG B 16 11.17 -12.52 24.52
C ARG B 16 10.34 -12.46 25.79
N GLU B 17 10.65 -11.51 26.66
CA GLU B 17 9.93 -11.34 27.91
C GLU B 17 8.53 -10.80 27.68
N GLN B 18 8.43 -9.77 26.84
CA GLN B 18 7.15 -9.15 26.53
C GLN B 18 6.21 -10.16 25.89
N LEU B 19 6.76 -10.99 25.01
CA LEU B 19 5.97 -12.01 24.33
C LEU B 19 5.53 -13.08 25.32
N GLU B 20 6.34 -13.27 26.35
CA GLU B 20 6.04 -14.25 27.40
C GLU B 20 4.89 -13.79 28.27
N ASN B 21 4.57 -12.49 28.15
CA ASN B 21 3.48 -11.90 28.92
C ASN B 21 2.44 -11.28 28.00
N SER B 22 2.13 -11.97 26.91
CA SER B 22 1.15 -11.51 25.93
C SER B 22 -0.23 -11.34 26.55
N PRO B 23 -1.12 -10.58 25.88
CA PRO B 23 -2.47 -10.35 26.38
C PRO B 23 -3.19 -11.66 26.70
N SER B 24 -2.96 -12.68 25.88
CA SER B 24 -3.57 -13.98 26.08
C SER B 24 -3.01 -14.66 27.32
N ARG B 25 -1.74 -14.39 27.60
CA ARG B 25 -1.06 -14.95 28.76
C ARG B 25 -1.63 -14.37 30.05
N ARG B 26 -2.43 -13.32 29.89
CA ARG B 26 -3.05 -12.64 31.02
C ARG B 26 -4.36 -13.32 31.42
N PHE B 27 -4.94 -14.06 30.48
CA PHE B 27 -6.19 -14.77 30.71
C PHE B 27 -5.97 -16.26 30.92
N GLY B 28 -4.72 -16.65 31.17
CA GLY B 28 -4.41 -18.04 31.38
C GLY B 28 -4.31 -18.85 30.10
N VAL B 29 -3.28 -18.59 29.32
CA VAL B 29 -3.07 -19.30 28.05
C VAL B 29 -1.60 -19.69 27.88
N ASP B 30 -1.30 -20.95 28.16
CA ASP B 30 0.06 -21.47 28.04
C ASP B 30 0.81 -20.90 26.84
N PRO B 31 2.10 -20.58 27.02
CA PRO B 31 2.95 -20.03 25.96
C PRO B 31 2.88 -20.85 24.67
N ASP B 32 3.14 -22.15 24.81
CA ASP B 32 3.11 -23.06 23.66
C ASP B 32 1.70 -23.17 23.09
N LYS B 33 0.70 -22.87 23.92
CA LYS B 33 -0.68 -22.93 23.51
C LYS B 33 -1.06 -21.74 22.62
N GLU B 34 -0.60 -20.56 23.03
CA GLU B 34 -0.87 -19.34 22.27
C GLU B 34 -0.24 -19.42 20.89
N LEU B 35 1.04 -19.74 20.86
CA LEU B 35 1.79 -19.87 19.61
C LEU B 35 1.04 -20.82 18.67
N SER B 36 0.43 -21.84 19.25
CA SER B 36 -0.33 -22.81 18.48
C SER B 36 -1.47 -22.14 17.73
N TYR B 37 -2.18 -21.27 18.43
CA TYR B 37 -3.29 -20.53 17.85
C TYR B 37 -2.79 -19.65 16.69
N ARG B 38 -1.61 -19.08 16.87
CA ARG B 38 -1.01 -18.22 15.87
C ARG B 38 -0.73 -19.02 14.59
N GLN B 39 -0.14 -20.20 14.75
CA GLN B 39 0.17 -21.07 13.63
C GLN B 39 -1.10 -21.47 12.90
N GLN B 40 -2.14 -21.78 13.67
CA GLN B 40 -3.42 -22.19 13.10
C GLN B 40 -4.06 -21.03 12.35
N ALA B 41 -3.96 -19.83 12.93
CA ALA B 41 -4.50 -18.64 12.31
C ALA B 41 -3.82 -18.35 10.98
N ALA B 42 -2.50 -18.54 10.97
CA ALA B 42 -1.70 -18.32 9.78
C ALA B 42 -2.05 -19.33 8.70
N ASN B 43 -2.29 -20.57 9.13
CA ASN B 43 -2.66 -21.64 8.21
C ASN B 43 -3.98 -21.33 7.52
N LEU B 44 -4.93 -20.87 8.31
CA LEU B 44 -6.26 -20.51 7.79
C LEU B 44 -6.16 -19.40 6.76
N LEU B 45 -5.35 -18.38 7.07
CA LEU B 45 -5.15 -17.26 6.17
C LEU B 45 -4.51 -17.71 4.86
N GLN B 46 -3.56 -18.63 4.97
CA GLN B 46 -2.88 -19.17 3.80
C GLN B 46 -3.82 -19.99 2.93
N ASP B 47 -4.71 -20.73 3.59
CA ASP B 47 -5.67 -21.56 2.88
C ASP B 47 -6.72 -20.71 2.16
N MET B 48 -7.33 -19.79 2.90
CA MET B 48 -8.33 -18.91 2.33
C MET B 48 -7.76 -18.05 1.21
N GLY B 49 -6.53 -17.60 1.42
CA GLY B 49 -5.86 -16.77 0.43
C GLY B 49 -5.72 -17.46 -0.90
N GLN B 50 -5.28 -18.71 -0.88
CA GLN B 50 -5.12 -19.48 -2.11
C GLN B 50 -6.45 -19.75 -2.79
N ARG B 51 -7.49 -19.95 -1.99
CA ARG B 51 -8.82 -20.21 -2.53
C ARG B 51 -9.40 -18.95 -3.16
N LEU B 52 -8.95 -17.80 -2.67
CA LEU B 52 -9.39 -16.51 -3.18
C LEU B 52 -8.47 -16.07 -4.31
N ASN B 53 -7.41 -16.84 -4.52
CA ASN B 53 -6.43 -16.57 -5.55
C ASN B 53 -5.78 -15.20 -5.39
N VAL B 54 -5.36 -14.92 -4.16
CA VAL B 54 -4.72 -13.64 -3.85
C VAL B 54 -3.20 -13.81 -3.75
N SER B 55 -2.47 -12.77 -4.16
CA SER B 55 -1.01 -12.80 -4.11
C SER B 55 -0.50 -13.18 -2.73
N GLN B 56 0.63 -13.87 -2.71
CA GLN B 56 1.24 -14.29 -1.44
C GLN B 56 1.45 -13.08 -0.54
N LEU B 57 1.69 -11.93 -1.15
CA LEU B 57 1.89 -10.68 -0.42
C LEU B 57 0.70 -10.38 0.49
N THR B 58 -0.49 -10.55 -0.05
CA THR B 58 -1.72 -10.31 0.70
C THR B 58 -1.80 -11.23 1.91
N ILE B 59 -1.41 -12.48 1.71
CA ILE B 59 -1.43 -13.48 2.78
C ILE B 59 -0.44 -13.11 3.89
N ASN B 60 0.80 -12.88 3.49
CA ASN B 60 1.84 -12.50 4.45
C ASN B 60 1.44 -11.27 5.24
N THR B 61 0.90 -10.28 4.53
CA THR B 61 0.46 -9.04 5.16
C THR B 61 -0.64 -9.31 6.18
N ALA B 62 -1.54 -10.23 5.84
CA ALA B 62 -2.63 -10.59 6.72
C ALA B 62 -2.11 -11.29 7.97
N ILE B 63 -1.06 -12.10 7.78
CA ILE B 63 -0.45 -12.83 8.87
C ILE B 63 0.20 -11.87 9.86
N VAL B 64 0.83 -10.82 9.33
CA VAL B 64 1.48 -9.82 10.17
C VAL B 64 0.48 -9.14 11.09
N TYR B 65 -0.65 -8.74 10.52
CA TYR B 65 -1.69 -8.08 11.31
C TYR B 65 -2.17 -8.99 12.43
N MET B 66 -2.23 -10.29 12.13
CA MET B 66 -2.67 -11.29 13.10
C MET B 66 -1.74 -11.33 14.30
N HIS B 67 -0.43 -11.42 14.03
CA HIS B 67 0.56 -11.47 15.09
C HIS B 67 0.53 -10.22 15.96
N ARG B 68 0.38 -9.07 15.31
CA ARG B 68 0.33 -7.79 16.01
C ARG B 68 -1.01 -7.58 16.73
N PHE B 69 -2.08 -8.04 16.10
CA PHE B 69 -3.42 -7.91 16.67
C PHE B 69 -3.54 -8.59 18.03
N TYR B 70 -2.95 -9.78 18.14
CA TYR B 70 -3.00 -10.53 19.39
C TYR B 70 -1.97 -10.06 20.40
N MET B 71 -1.23 -9.01 20.04
CA MET B 71 -0.24 -8.44 20.94
C MET B 71 -0.89 -7.39 21.82
N ILE B 72 -2.13 -7.04 21.46
CA ILE B 72 -2.92 -6.07 22.18
C ILE B 72 -4.22 -6.71 22.66
N GLN B 73 -4.66 -7.71 21.90
CA GLN B 73 -5.88 -8.45 22.21
C GLN B 73 -5.54 -9.88 22.64
N SER B 74 -6.56 -10.63 23.05
CA SER B 74 -6.35 -12.00 23.50
C SER B 74 -7.24 -12.99 22.75
N PHE B 75 -6.71 -14.19 22.54
CA PHE B 75 -7.45 -15.26 21.85
C PHE B 75 -8.73 -15.59 22.59
N THR B 76 -8.73 -15.34 23.89
CA THR B 76 -9.88 -15.62 24.74
C THR B 76 -11.07 -14.73 24.38
N GLN B 77 -10.78 -13.54 23.88
CA GLN B 77 -11.82 -12.60 23.50
C GLN B 77 -12.08 -12.58 22.00
N PHE B 78 -11.02 -12.78 21.23
CA PHE B 78 -11.11 -12.79 19.77
C PHE B 78 -10.62 -14.11 19.17
N PRO B 79 -11.55 -14.99 18.78
CA PRO B 79 -11.20 -16.29 18.19
C PRO B 79 -10.32 -16.13 16.95
N GLY B 80 -9.41 -17.08 16.76
CA GLY B 80 -8.52 -17.03 15.62
C GLY B 80 -9.23 -17.27 14.30
N ASN B 81 -10.33 -18.02 14.36
CA ASN B 81 -11.11 -18.34 13.16
C ASN B 81 -12.01 -17.18 12.75
N SER B 82 -12.08 -16.18 13.61
CA SER B 82 -12.91 -15.00 13.35
C SER B 82 -12.09 -13.82 12.84
N VAL B 83 -10.93 -13.63 13.44
CA VAL B 83 -10.04 -12.53 13.06
C VAL B 83 -9.39 -12.77 11.71
N ALA B 84 -9.14 -14.04 11.40
CA ALA B 84 -8.52 -14.41 10.13
C ALA B 84 -9.29 -13.86 8.94
N PRO B 85 -10.60 -14.13 8.86
CA PRO B 85 -11.42 -13.65 7.74
C PRO B 85 -11.31 -12.14 7.56
N ALA B 86 -11.48 -11.41 8.67
CA ALA B 86 -11.40 -9.96 8.65
C ALA B 86 -10.01 -9.48 8.27
N ALA B 87 -8.99 -10.12 8.83
CA ALA B 87 -7.61 -9.76 8.55
C ALA B 87 -7.29 -9.88 7.06
N LEU B 88 -7.63 -11.04 6.50
CA LEU B 88 -7.38 -11.29 5.08
C LEU B 88 -8.19 -10.33 4.21
N PHE B 89 -9.42 -10.07 4.62
CA PHE B 89 -10.29 -9.16 3.88
C PHE B 89 -9.71 -7.75 3.84
N LEU B 90 -8.99 -7.40 4.91
CA LEU B 90 -8.37 -6.09 5.01
C LEU B 90 -7.07 -6.03 4.21
N ALA B 91 -6.26 -7.07 4.34
CA ALA B 91 -4.98 -7.15 3.63
C ALA B 91 -5.18 -7.09 2.13
N ALA B 92 -6.29 -7.67 1.66
CA ALA B 92 -6.60 -7.68 0.24
C ALA B 92 -6.65 -6.27 -0.33
N LYS B 93 -7.37 -5.39 0.36
CA LYS B 93 -7.50 -4.00 -0.05
C LYS B 93 -6.17 -3.27 -0.03
N VAL B 94 -5.43 -3.47 1.07
CA VAL B 94 -4.12 -2.84 1.24
C VAL B 94 -3.14 -3.25 0.16
N GLU B 95 -3.21 -4.51 -0.25
CA GLU B 95 -2.30 -5.02 -1.28
C GLU B 95 -2.89 -4.91 -2.68
N GLU B 96 -3.68 -3.86 -2.87
CA GLU B 96 -4.31 -3.57 -4.16
C GLU B 96 -4.92 -4.80 -4.82
N GLN B 97 -5.51 -5.68 -4.00
CA GLN B 97 -6.16 -6.89 -4.48
C GLN B 97 -7.36 -7.25 -3.63
N PRO B 98 -8.35 -6.33 -3.56
CA PRO B 98 -9.56 -6.52 -2.77
C PRO B 98 -10.48 -7.62 -3.31
N LYS B 99 -11.13 -8.32 -2.38
CA LYS B 99 -12.05 -9.39 -2.74
C LYS B 99 -13.43 -9.13 -2.12
N LYS B 100 -14.46 -9.16 -2.96
CA LYS B 100 -15.83 -8.93 -2.51
C LYS B 100 -16.11 -9.62 -1.18
N LEU B 101 -16.68 -8.86 -0.25
CA LEU B 101 -17.01 -9.36 1.08
C LEU B 101 -17.78 -10.68 0.99
N GLU B 102 -18.61 -10.80 -0.03
CA GLU B 102 -19.41 -12.01 -0.25
C GLU B 102 -18.51 -13.21 -0.56
N HIS B 103 -17.46 -12.95 -1.34
CA HIS B 103 -16.52 -13.99 -1.73
C HIS B 103 -15.72 -14.50 -0.53
N VAL B 104 -15.29 -13.56 0.31
CA VAL B 104 -14.51 -13.90 1.50
C VAL B 104 -15.32 -14.77 2.45
N ILE B 105 -16.51 -14.31 2.80
CA ILE B 105 -17.38 -15.04 3.71
C ILE B 105 -17.72 -16.43 3.16
N LYS B 106 -17.89 -16.51 1.85
CA LYS B 106 -18.20 -17.76 1.19
C LYS B 106 -17.06 -18.77 1.33
N VAL B 107 -15.85 -18.31 1.06
CA VAL B 107 -14.67 -19.17 1.16
C VAL B 107 -14.34 -19.52 2.60
N ALA B 108 -14.52 -18.54 3.49
CA ALA B 108 -14.26 -18.74 4.91
C ALA B 108 -15.19 -19.80 5.49
N HIS B 109 -16.41 -19.84 4.97
CA HIS B 109 -17.41 -20.80 5.43
C HIS B 109 -17.10 -22.20 4.91
N THR B 110 -16.45 -22.28 3.75
CA THR B 110 -16.09 -23.55 3.15
C THR B 110 -14.92 -24.19 3.88
N CYS B 111 -14.14 -23.37 4.56
CA CYS B 111 -12.98 -23.86 5.31
C CYS B 111 -13.33 -24.13 6.78
N LEU B 112 -14.24 -23.34 7.32
CA LEU B 112 -14.66 -23.48 8.71
C LEU B 112 -15.89 -24.36 8.86
N HIS B 113 -16.66 -24.50 7.79
CA HIS B 113 -17.86 -25.32 7.81
C HIS B 113 -17.99 -26.21 6.58
N PRO B 114 -17.04 -27.14 6.40
CA PRO B 114 -17.05 -28.04 5.25
C PRO B 114 -18.31 -28.91 5.19
N GLN B 115 -19.00 -29.00 6.32
CA GLN B 115 -20.21 -29.80 6.42
C GLN B 115 -21.45 -29.01 6.00
N GLU B 116 -21.81 -28.01 6.81
CA GLU B 116 -22.98 -27.19 6.53
C GLU B 116 -22.94 -26.59 5.13
N SER B 117 -24.11 -26.22 4.62
CA SER B 117 -24.22 -25.63 3.30
C SER B 117 -24.11 -24.11 3.35
N LEU B 118 -23.50 -23.53 2.32
CA LEU B 118 -23.33 -22.08 2.23
C LEU B 118 -24.65 -21.35 2.40
N PRO B 119 -24.81 -20.61 3.50
CA PRO B 119 -26.03 -19.84 3.80
C PRO B 119 -26.45 -18.95 2.63
N ASP B 120 -27.76 -18.77 2.50
CA ASP B 120 -28.30 -17.94 1.44
C ASP B 120 -27.94 -16.47 1.62
N THR B 121 -27.62 -15.80 0.52
CA THR B 121 -27.24 -14.39 0.55
C THR B 121 -28.38 -13.49 1.01
N ARG B 122 -29.50 -14.11 1.37
CA ARG B 122 -30.67 -13.37 1.83
C ARG B 122 -31.03 -13.72 3.27
N SER B 123 -30.62 -14.92 3.69
CA SER B 123 -30.90 -15.40 5.03
C SER B 123 -30.46 -14.40 6.10
N GLU B 124 -31.13 -14.45 7.25
CA GLU B 124 -30.81 -13.56 8.36
C GLU B 124 -29.44 -13.88 8.96
N ALA B 125 -29.06 -15.14 8.88
CA ALA B 125 -27.78 -15.59 9.41
C ALA B 125 -26.61 -14.99 8.64
N TYR B 126 -26.75 -14.97 7.32
CA TYR B 126 -25.71 -14.42 6.45
C TYR B 126 -25.47 -12.94 6.74
N LEU B 127 -26.55 -12.17 6.77
CA LEU B 127 -26.47 -10.74 7.03
C LEU B 127 -25.74 -10.47 8.34
N GLN B 128 -25.83 -11.41 9.27
CA GLN B 128 -25.17 -11.27 10.56
C GLN B 128 -23.66 -11.41 10.44
N GLN B 129 -23.24 -12.46 9.74
CA GLN B 129 -21.82 -12.72 9.53
C GLN B 129 -21.14 -11.52 8.87
N VAL B 130 -21.89 -10.83 8.02
CA VAL B 130 -21.38 -9.66 7.33
C VAL B 130 -20.99 -8.57 8.32
N GLN B 131 -21.92 -8.24 9.20
CA GLN B 131 -21.68 -7.21 10.22
C GLN B 131 -20.50 -7.59 11.11
N ASP B 132 -20.50 -8.82 11.59
CA ASP B 132 -19.44 -9.31 12.46
C ASP B 132 -18.06 -9.13 11.82
N LEU B 133 -17.98 -9.43 10.53
CA LEU B 133 -16.73 -9.31 9.80
C LEU B 133 -16.35 -7.85 9.61
N VAL B 134 -17.32 -7.03 9.21
CA VAL B 134 -17.09 -5.60 9.01
C VAL B 134 -16.67 -4.92 10.29
N ILE B 135 -17.38 -5.22 11.37
CA ILE B 135 -17.08 -4.63 12.67
C ILE B 135 -15.69 -5.03 13.14
N LEU B 136 -15.39 -6.32 13.04
CA LEU B 136 -14.09 -6.83 13.45
C LEU B 136 -12.97 -6.17 12.65
N GLU B 137 -13.27 -5.85 11.40
CA GLU B 137 -12.30 -5.19 10.53
C GLU B 137 -11.90 -3.84 11.10
N SER B 138 -12.89 -3.08 11.53
CA SER B 138 -12.66 -1.76 12.11
C SER B 138 -11.84 -1.87 13.40
N ILE B 139 -12.04 -2.97 14.12
CA ILE B 139 -11.33 -3.22 15.37
C ILE B 139 -9.85 -3.47 15.10
N ILE B 140 -9.58 -4.24 14.06
CA ILE B 140 -8.20 -4.57 13.69
C ILE B 140 -7.43 -3.31 13.31
N LEU B 141 -8.10 -2.42 12.58
CA LEU B 141 -7.49 -1.17 12.16
C LEU B 141 -7.13 -0.30 13.35
N GLN B 142 -8.05 -0.18 14.29
CA GLN B 142 -7.84 0.61 15.50
C GLN B 142 -6.78 0.00 16.40
N THR B 143 -6.79 -1.33 16.49
CA THR B 143 -5.83 -2.05 17.32
C THR B 143 -4.41 -1.92 16.77
N LEU B 144 -4.31 -1.79 15.46
CA LEU B 144 -3.02 -1.67 14.79
C LEU B 144 -2.61 -0.22 14.60
N GLY B 145 -3.49 0.70 15.02
CA GLY B 145 -3.20 2.11 14.87
C GLY B 145 -3.22 2.57 13.43
N PHE B 146 -3.98 1.85 12.60
CA PHE B 146 -4.10 2.19 11.19
C PHE B 146 -2.76 2.13 10.46
N GLU B 147 -1.83 1.35 10.99
CA GLU B 147 -0.51 1.19 10.38
C GLU B 147 -0.49 -0.04 9.48
N LEU B 148 -1.10 0.10 8.30
CA LEU B 148 -1.19 -0.98 7.33
C LEU B 148 0.14 -1.34 6.69
N THR B 149 0.92 -0.31 6.34
CA THR B 149 2.22 -0.53 5.69
C THR B 149 3.05 -1.57 6.44
N ILE B 150 3.29 -2.69 5.78
CA ILE B 150 4.07 -3.78 6.36
C ILE B 150 5.17 -4.27 5.42
N ASP B 151 6.35 -4.53 5.98
CA ASP B 151 7.48 -5.02 5.20
C ASP B 151 7.73 -6.49 5.49
N HIS B 152 7.85 -7.28 4.44
CA HIS B 152 8.08 -8.72 4.58
C HIS B 152 9.50 -9.12 4.23
N PRO B 153 10.03 -10.14 4.94
CA PRO B 153 11.39 -10.66 4.72
C PRO B 153 11.59 -11.11 3.27
N HIS B 154 10.53 -11.65 2.67
CA HIS B 154 10.58 -12.12 1.30
C HIS B 154 11.20 -11.08 0.37
N THR B 155 10.90 -9.82 0.66
CA THR B 155 11.42 -8.71 -0.14
C THR B 155 12.94 -8.65 -0.10
N HIS B 156 13.50 -8.89 1.09
CA HIS B 156 14.94 -8.86 1.28
C HIS B 156 15.60 -10.17 0.86
N VAL B 157 14.85 -11.26 0.96
CA VAL B 157 15.35 -12.58 0.59
C VAL B 157 15.63 -12.67 -0.90
N VAL B 158 14.68 -12.20 -1.70
CA VAL B 158 14.82 -12.23 -3.15
C VAL B 158 15.98 -11.37 -3.64
N LYS B 159 16.07 -10.15 -3.10
CA LYS B 159 17.13 -9.23 -3.47
C LYS B 159 18.51 -9.79 -3.18
N CYS B 160 18.63 -10.50 -2.05
CA CYS B 160 19.89 -11.10 -1.65
C CYS B 160 20.28 -12.27 -2.54
N THR B 161 19.32 -13.15 -2.79
CA THR B 161 19.56 -14.33 -3.63
C THR B 161 20.05 -13.95 -5.02
N GLN B 162 19.45 -12.91 -5.60
CA GLN B 162 19.83 -12.46 -6.93
C GLN B 162 21.22 -11.84 -6.93
N LEU B 163 21.55 -11.16 -5.84
CA LEU B 163 22.85 -10.51 -5.71
C LEU B 163 23.97 -11.54 -5.54
N VAL B 164 23.71 -12.54 -4.71
CA VAL B 164 24.70 -13.59 -4.46
C VAL B 164 24.77 -14.59 -5.62
N ARG B 165 23.89 -14.40 -6.60
CA ARG B 165 23.84 -15.28 -7.77
C ARG B 165 23.47 -16.71 -7.38
N ALA B 166 22.56 -16.84 -6.43
CA ALA B 166 22.12 -18.14 -5.96
C ALA B 166 21.20 -18.83 -6.98
N SER B 167 21.31 -20.14 -7.07
CA SER B 167 20.49 -20.92 -7.99
C SER B 167 19.01 -20.86 -7.62
N LYS B 168 18.16 -21.33 -8.53
CA LYS B 168 16.72 -21.33 -8.30
C LYS B 168 16.32 -22.17 -7.09
N ASP B 169 16.79 -23.41 -7.07
CA ASP B 169 16.47 -24.31 -5.98
C ASP B 169 16.79 -23.68 -4.62
N LEU B 170 17.90 -22.94 -4.57
CA LEU B 170 18.30 -22.26 -3.34
C LEU B 170 17.45 -21.03 -3.09
N ALA B 171 17.08 -20.35 -4.18
CA ALA B 171 16.25 -19.16 -4.09
C ALA B 171 14.84 -19.50 -3.64
N GLN B 172 14.33 -20.62 -4.15
CA GLN B 172 12.99 -21.07 -3.81
C GLN B 172 12.90 -21.48 -2.34
N THR B 173 13.95 -22.14 -1.87
CA THR B 173 14.02 -22.58 -0.48
C THR B 173 14.11 -21.39 0.47
N SER B 174 14.99 -20.46 0.15
CA SER B 174 15.18 -19.26 0.97
C SER B 174 13.86 -18.52 1.14
N TYR B 175 13.16 -18.33 0.02
CA TYR B 175 11.87 -17.64 0.03
C TYR B 175 10.83 -18.50 0.73
N PHE B 176 10.99 -19.81 0.62
CA PHE B 176 10.08 -20.75 1.26
C PHE B 176 10.14 -20.64 2.77
N MET B 177 11.35 -20.61 3.30
CA MET B 177 11.55 -20.49 4.75
C MET B 177 11.05 -19.15 5.26
N ALA B 178 11.06 -18.16 4.37
CA ALA B 178 10.61 -16.82 4.72
C ALA B 178 9.12 -16.82 5.03
N THR B 179 8.41 -17.76 4.43
CA THR B 179 6.97 -17.90 4.64
C THR B 179 6.67 -18.72 5.88
N ASN B 180 7.52 -19.72 6.13
CA ASN B 180 7.35 -20.59 7.28
C ASN B 180 7.55 -19.83 8.59
N SER B 181 8.37 -18.79 8.52
CA SER B 181 8.65 -17.97 9.70
C SER B 181 7.40 -17.23 10.17
N LEU B 182 6.55 -16.86 9.22
CA LEU B 182 5.31 -16.15 9.53
C LEU B 182 4.20 -17.12 9.91
N HIS B 183 4.43 -18.40 9.66
CA HIS B 183 3.44 -19.43 9.97
C HIS B 183 3.78 -20.20 11.25
N LEU B 184 5.06 -20.26 11.58
CA LEU B 184 5.49 -21.00 12.76
C LEU B 184 6.10 -20.10 13.84
N THR B 185 7.00 -19.22 13.43
CA THR B 185 7.66 -18.32 14.38
C THR B 185 6.97 -16.95 14.44
N THR B 186 7.47 -16.11 15.34
CA THR B 186 6.92 -14.77 15.51
C THR B 186 8.01 -13.70 15.38
N PHE B 187 9.02 -13.99 14.58
CA PHE B 187 10.11 -13.05 14.37
C PHE B 187 9.62 -11.71 13.83
N SER B 188 8.44 -11.73 13.22
CA SER B 188 7.84 -10.52 12.67
C SER B 188 7.51 -9.53 13.78
N LEU B 189 7.62 -9.99 15.02
CA LEU B 189 7.32 -9.16 16.18
C LEU B 189 8.55 -9.01 17.08
N GLN B 190 9.67 -9.56 16.62
CA GLN B 190 10.91 -9.51 17.38
C GLN B 190 12.05 -8.87 16.59
N TYR B 191 12.25 -9.36 15.37
CA TYR B 191 13.33 -8.85 14.51
C TYR B 191 12.79 -8.25 13.23
N THR B 192 13.52 -7.29 12.68
CA THR B 192 13.14 -6.62 11.45
C THR B 192 13.20 -7.57 10.26
N PRO B 193 12.41 -7.30 9.21
CA PRO B 193 12.38 -8.12 8.01
C PRO B 193 13.76 -8.46 7.45
N PRO B 194 14.64 -7.45 7.32
CA PRO B 194 15.99 -7.69 6.81
C PRO B 194 16.71 -8.80 7.57
N VAL B 195 16.65 -8.72 8.90
CA VAL B 195 17.28 -9.71 9.75
C VAL B 195 16.65 -11.08 9.58
N VAL B 196 15.32 -11.12 9.55
CA VAL B 196 14.59 -12.36 9.38
C VAL B 196 14.92 -13.02 8.05
N ALA B 197 15.15 -12.18 7.04
CA ALA B 197 15.49 -12.66 5.71
C ALA B 197 16.80 -13.44 5.72
N CYS B 198 17.76 -12.91 6.48
CA CYS B 198 19.07 -13.54 6.59
C CYS B 198 18.97 -14.90 7.27
N VAL B 199 18.10 -14.99 8.27
CA VAL B 199 17.89 -16.23 9.02
C VAL B 199 17.37 -17.32 8.10
N CYS B 200 16.44 -16.95 7.21
CA CYS B 200 15.86 -17.88 6.27
C CYS B 200 16.91 -18.41 5.29
N ILE B 201 17.66 -17.50 4.70
CA ILE B 201 18.71 -17.87 3.75
C ILE B 201 19.78 -18.72 4.44
N HIS B 202 20.21 -18.27 5.61
CA HIS B 202 21.21 -18.99 6.39
C HIS B 202 20.72 -20.37 6.77
N LEU B 203 19.42 -20.44 7.08
CA LEU B 203 18.79 -21.70 7.46
C LEU B 203 18.64 -22.62 6.26
N ALA B 204 18.44 -22.02 5.09
CA ALA B 204 18.28 -22.77 3.85
C ALA B 204 19.62 -23.31 3.36
N CYS B 205 20.67 -22.53 3.57
CA CYS B 205 22.01 -22.91 3.16
C CYS B 205 22.52 -24.12 3.93
N LYS B 206 22.31 -24.10 5.24
CA LYS B 206 22.74 -25.20 6.10
C LYS B 206 22.01 -26.49 5.77
N TRP B 207 20.78 -26.35 5.28
CA TRP B 207 19.96 -27.50 4.92
C TRP B 207 20.20 -27.91 3.47
N SER B 208 20.66 -26.96 2.66
CA SER B 208 20.94 -27.21 1.25
C SER B 208 22.42 -27.47 1.01
N ASN B 209 23.20 -27.31 2.07
CA ASN B 209 24.65 -27.51 2.00
C ASN B 209 25.34 -26.44 1.16
N TRP B 210 24.59 -25.46 0.70
CA TRP B 210 25.17 -24.38 -0.09
C TRP B 210 25.83 -23.33 0.81
N GLU B 211 26.98 -22.85 0.38
CA GLU B 211 27.72 -21.85 1.14
C GLU B 211 27.98 -20.60 0.31
N ILE B 212 27.50 -19.46 0.80
CA ILE B 212 27.68 -18.19 0.11
C ILE B 212 29.07 -17.60 0.38
N PRO B 213 29.92 -17.55 -0.66
CA PRO B 213 31.28 -17.02 -0.55
C PRO B 213 31.31 -15.59 -0.03
N VAL B 214 32.52 -15.06 0.14
CA VAL B 214 32.70 -13.70 0.62
C VAL B 214 32.87 -12.73 -0.55
N SER B 215 32.16 -11.61 -0.48
CA SER B 215 32.22 -10.60 -1.53
C SER B 215 33.65 -10.27 -1.92
N THR B 216 33.83 -9.77 -3.14
CA THR B 216 35.14 -9.40 -3.64
C THR B 216 35.77 -8.28 -2.83
N ASP B 217 34.99 -7.72 -1.91
CA ASP B 217 35.47 -6.63 -1.06
C ASP B 217 35.81 -7.11 0.35
N GLY B 218 35.67 -8.42 0.55
CA GLY B 218 35.98 -8.99 1.86
C GLY B 218 34.87 -8.82 2.88
N LYS B 219 33.62 -8.88 2.42
CA LYS B 219 32.48 -8.73 3.31
C LYS B 219 31.46 -9.86 3.12
N HIS B 220 30.92 -10.33 4.24
CA HIS B 220 29.93 -11.39 4.22
C HIS B 220 28.67 -10.97 3.48
N TRP B 221 27.88 -11.95 3.06
CA TRP B 221 26.65 -11.70 2.32
C TRP B 221 25.61 -10.97 3.17
N TRP B 222 25.44 -11.42 4.41
CA TRP B 222 24.47 -10.81 5.31
C TRP B 222 24.74 -9.34 5.59
N GLU B 223 25.97 -8.91 5.33
CA GLU B 223 26.35 -7.53 5.56
C GLU B 223 25.77 -6.61 4.49
N TYR B 224 25.31 -7.20 3.40
CA TYR B 224 24.72 -6.45 2.30
C TYR B 224 23.20 -6.42 2.42
N VAL B 225 22.70 -7.06 3.46
CA VAL B 225 21.25 -7.11 3.71
C VAL B 225 20.89 -6.28 4.94
N ASP B 226 21.80 -6.27 5.91
CA ASP B 226 21.61 -5.52 7.15
C ASP B 226 22.95 -5.30 7.85
N ALA B 227 23.16 -4.07 8.33
CA ALA B 227 24.40 -3.71 8.99
C ALA B 227 24.43 -4.09 10.46
N THR B 228 23.38 -4.77 10.93
CA THR B 228 23.31 -5.18 12.33
C THR B 228 23.30 -6.69 12.48
N VAL B 229 23.38 -7.40 11.35
CA VAL B 229 23.37 -8.85 11.35
C VAL B 229 24.78 -9.43 11.43
N THR B 230 24.95 -10.41 12.31
CA THR B 230 26.24 -11.06 12.50
C THR B 230 26.08 -12.58 12.55
N LEU B 231 27.16 -13.29 12.24
CA LEU B 231 27.13 -14.75 12.25
C LEU B 231 26.63 -15.30 13.58
N GLU B 232 27.02 -14.64 14.67
CA GLU B 232 26.61 -15.05 16.00
C GLU B 232 25.10 -14.98 16.17
N LEU B 233 24.49 -13.99 15.54
CA LEU B 233 23.05 -13.79 15.60
C LEU B 233 22.30 -14.84 14.78
N LEU B 234 22.74 -15.03 13.54
CA LEU B 234 22.13 -15.98 12.63
C LEU B 234 22.04 -17.38 13.25
N ASP B 235 23.19 -17.87 13.72
CA ASP B 235 23.25 -19.20 14.33
C ASP B 235 22.30 -19.30 15.51
N GLU B 236 22.23 -18.24 16.31
CA GLU B 236 21.36 -18.20 17.48
C GLU B 236 19.89 -18.22 17.07
N LEU B 237 19.56 -17.41 16.07
CA LEU B 237 18.19 -17.33 15.58
C LEU B 237 17.79 -18.62 14.88
N THR B 238 18.71 -19.17 14.09
CA THR B 238 18.47 -20.42 13.40
C THR B 238 18.20 -21.54 14.39
N HIS B 239 18.80 -21.41 15.57
CA HIS B 239 18.64 -22.37 16.63
C HIS B 239 17.21 -22.36 17.17
N GLU B 240 16.66 -21.15 17.31
CA GLU B 240 15.29 -20.98 17.80
C GLU B 240 14.28 -21.43 16.76
N PHE B 241 14.56 -21.11 15.50
CA PHE B 241 13.68 -21.47 14.40
C PHE B 241 13.48 -22.99 14.35
N LEU B 242 14.60 -23.71 14.35
CA LEU B 242 14.56 -25.16 14.31
C LEU B 242 13.94 -25.73 15.58
N GLN B 243 14.25 -25.11 16.71
CA GLN B 243 13.71 -25.55 18.00
C GLN B 243 12.19 -25.52 17.98
N ILE B 244 11.64 -24.58 17.21
CA ILE B 244 10.20 -24.44 17.07
C ILE B 244 9.67 -25.47 16.08
N LEU B 245 10.50 -25.81 15.11
CA LEU B 245 10.14 -26.81 14.10
C LEU B 245 10.05 -28.20 14.70
N GLU B 246 10.91 -28.46 15.68
CA GLU B 246 10.95 -29.75 16.35
C GLU B 246 9.72 -29.97 17.23
N LYS B 247 9.07 -28.87 17.60
CA LYS B 247 7.87 -28.93 18.44
C LYS B 247 6.62 -29.19 17.62
N THR B 248 6.80 -29.51 16.34
CA THR B 248 5.67 -29.80 15.45
C THR B 248 5.07 -31.17 15.74
N PRO B 249 3.73 -31.25 15.79
CA PRO B 249 2.99 -32.49 16.07
C PRO B 249 2.79 -33.47 14.91
N ASN B 250 3.67 -33.47 13.91
CA ASN B 250 3.50 -34.39 12.79
C ASN B 250 4.78 -35.01 12.26
N ARG B 251 4.61 -35.86 11.24
CA ARG B 251 5.70 -36.58 10.61
C ARG B 251 6.57 -35.73 9.70
N LEU B 252 7.87 -35.76 9.97
CA LEU B 252 8.88 -35.06 9.19
C LEU B 252 10.07 -35.98 8.99
N LYS B 253 9.88 -37.22 9.45
CA LYS B 253 10.89 -38.26 9.37
C LYS B 253 10.34 -39.45 8.58
N ARG B 254 9.02 -39.60 8.62
CA ARG B 254 8.35 -40.69 7.92
C ARG B 254 8.13 -40.37 6.44
N ILE B 255 8.21 -39.08 6.11
CA ILE B 255 8.02 -38.65 4.74
C ILE B 255 9.28 -38.78 3.90
N TRP B 256 10.29 -39.45 4.45
CA TRP B 256 11.55 -39.63 3.72
C TRP B 256 11.52 -40.90 2.87
N ASN B 257 10.67 -40.90 1.85
CA ASN B 257 10.54 -42.05 0.94
C ASN B 257 9.89 -41.65 -0.38
N TRP B 258 9.80 -42.61 -1.29
CA TRP B 258 9.20 -42.39 -2.60
C TRP B 258 7.94 -43.23 -2.78
N ARG B 259 7.17 -43.35 -1.70
CA ARG B 259 5.93 -44.13 -1.72
C ARG B 259 4.99 -43.68 -2.84
N ALA B 260 3.99 -44.50 -3.11
CA ALA B 260 3.02 -44.20 -4.16
C ALA B 260 2.10 -43.04 -3.77
N CYS B 261 0.90 -43.05 -4.32
CA CYS B 261 -0.08 -42.00 -4.04
C CYS B 261 -1.46 -42.59 -3.79
N LEU C 3 29.32 -8.69 -8.10
CA LEU C 3 29.86 -8.34 -6.76
C LEU C 3 30.01 -9.60 -5.92
N PHE C 4 29.09 -10.54 -6.14
CA PHE C 4 29.09 -11.81 -5.42
C PHE C 4 29.33 -12.99 -6.35
N ALA C 5 29.91 -14.05 -5.79
CA ALA C 5 30.19 -15.26 -6.55
C ALA C 5 29.06 -16.27 -6.42
N GLU C 6 28.72 -16.93 -7.52
CA GLU C 6 27.66 -17.92 -7.53
C GLU C 6 27.90 -19.00 -6.46
N PRO C 7 26.96 -19.17 -5.53
CA PRO C 7 27.01 -20.15 -4.44
C PRO C 7 27.50 -21.54 -4.85
N TYR C 8 27.98 -22.29 -3.86
CA TYR C 8 28.46 -23.64 -4.09
C TYR C 8 28.08 -24.57 -2.94
N LYS C 9 28.29 -25.87 -3.15
CA LYS C 9 27.97 -26.87 -2.13
C LYS C 9 29.07 -26.97 -1.08
N VAL C 10 28.70 -27.52 0.08
CA VAL C 10 29.63 -27.69 1.18
C VAL C 10 29.97 -29.15 1.40
N THR C 11 31.28 -29.46 1.36
CA THR C 11 31.74 -30.83 1.55
C THR C 11 31.48 -31.32 2.97
N SER C 12 30.44 -32.13 3.11
CA SER C 12 30.06 -32.68 4.42
C SER C 12 29.76 -31.60 5.43
N LYS C 13 28.50 -31.16 5.46
CA LYS C 13 28.08 -30.13 6.40
C LYS C 13 28.32 -30.57 7.85
N GLU C 14 29.37 -30.03 8.45
CA GLU C 14 29.73 -30.38 9.82
C GLU C 14 29.01 -29.48 10.83
N ASP C 15 28.33 -28.46 10.33
CA ASP C 15 27.61 -27.53 11.19
C ASP C 15 26.50 -28.22 11.96
N LYS C 16 26.51 -28.05 13.28
CA LYS C 16 25.51 -28.66 14.13
C LYS C 16 24.10 -28.23 13.74
N LEU C 17 24.00 -27.01 13.21
CA LEU C 17 22.72 -26.48 12.76
C LEU C 17 22.23 -27.18 11.51
N SER C 18 23.16 -27.45 10.60
CA SER C 18 22.84 -28.13 9.35
C SER C 18 22.27 -29.53 9.60
N SER C 19 23.02 -30.33 10.33
CA SER C 19 22.61 -31.69 10.65
C SER C 19 21.27 -31.71 11.38
N ARG C 20 21.03 -30.69 12.18
CA ARG C 20 19.78 -30.57 12.93
C ARG C 20 18.60 -30.44 11.99
N ILE C 21 18.81 -29.75 10.87
CA ILE C 21 17.77 -29.54 9.88
C ILE C 21 17.57 -30.81 9.05
N GLN C 22 18.68 -31.43 8.69
CA GLN C 22 18.66 -32.65 7.89
C GLN C 22 17.83 -33.73 8.58
N SER C 23 18.00 -33.83 9.90
CA SER C 23 17.27 -34.83 10.69
C SER C 23 15.90 -34.33 11.10
N MET C 24 15.49 -33.19 10.53
CA MET C 24 14.21 -32.59 10.82
C MET C 24 13.30 -32.54 9.59
N LEU C 25 13.77 -31.83 8.57
CA LEU C 25 13.01 -31.69 7.33
C LEU C 25 13.33 -32.82 6.35
N GLY C 26 14.52 -33.38 6.47
CA GLY C 26 14.93 -34.45 5.59
C GLY C 26 16.02 -34.04 4.62
N ASN C 27 16.22 -34.84 3.57
CA ASN C 27 17.23 -34.54 2.56
C ASN C 27 16.77 -33.43 1.63
N TYR C 28 17.55 -32.36 1.58
CA TYR C 28 17.26 -31.21 0.74
C TYR C 28 16.91 -31.58 -0.69
N ASP C 29 17.95 -31.86 -1.47
CA ASP C 29 17.83 -32.23 -2.89
C ASP C 29 16.55 -32.96 -3.27
N GLU C 30 16.06 -33.83 -2.41
CA GLU C 30 14.86 -34.61 -2.70
C GLU C 30 13.55 -33.84 -2.48
N MET C 31 13.61 -32.69 -1.83
CA MET C 31 12.41 -31.92 -1.56
C MET C 31 12.42 -30.53 -2.20
N LYS C 32 13.11 -30.41 -3.33
CA LYS C 32 13.20 -29.13 -4.03
C LYS C 32 12.22 -28.98 -5.19
N ASP C 33 12.15 -30.02 -6.02
CA ASP C 33 11.26 -30.00 -7.18
C ASP C 33 9.80 -29.98 -6.76
N PHE C 34 9.56 -29.63 -5.50
CA PHE C 34 8.19 -29.57 -4.97
C PHE C 34 7.91 -28.21 -4.34
N ILE C 35 8.96 -27.60 -3.80
CA ILE C 35 8.84 -26.29 -3.15
C ILE C 35 8.77 -25.18 -4.20
N GLY C 36 7.56 -24.78 -4.55
CA GLY C 36 7.39 -23.72 -5.53
C GLY C 36 7.25 -24.26 -6.94
C ACE D 1 6.01 -19.76 -0.47
O ACE D 1 6.99 -19.96 0.26
CH3 ACE D 1 4.96 -18.75 -0.10
N MET D 2 5.81 -20.42 -1.61
CA MET D 2 6.75 -21.43 -2.08
C MET D 2 7.67 -20.86 -3.17
N GLU D 3 7.06 -20.19 -4.14
CA GLU D 3 7.80 -19.60 -5.25
C GLU D 3 8.08 -18.12 -5.03
N PRO D 4 9.36 -17.72 -5.12
CA PRO D 4 9.78 -16.33 -4.92
C PRO D 4 9.02 -15.32 -5.80
N VAL D 5 8.93 -14.09 -5.31
CA VAL D 5 8.24 -13.03 -6.02
C VAL D 5 9.01 -11.72 -5.95
N ASP D 6 9.29 -11.14 -7.13
CA ASP D 6 10.02 -9.89 -7.21
C ASP D 6 9.32 -8.76 -6.45
N PRO D 7 9.94 -8.28 -5.36
CA PRO D 7 9.40 -7.20 -4.53
C PRO D 7 9.12 -5.92 -5.31
N ARG D 8 10.00 -5.63 -6.27
CA ARG D 8 9.87 -4.44 -7.09
C ARG D 8 8.50 -4.35 -7.77
N LEU D 9 7.80 -5.48 -7.82
CA LEU D 9 6.48 -5.53 -8.43
C LEU D 9 5.42 -4.94 -7.50
N GLU D 10 4.44 -4.26 -8.11
CA GLU D 10 3.37 -3.64 -7.34
C GLU D 10 2.39 -4.68 -6.81
N PRO D 11 1.70 -4.36 -5.70
CA PRO D 11 0.72 -5.26 -5.08
C PRO D 11 -0.28 -5.85 -6.07
N TRP D 12 -0.86 -4.99 -6.90
CA TRP D 12 -1.85 -5.41 -7.89
C TRP D 12 -1.22 -6.17 -9.05
N LYS D 13 0.11 -6.33 -9.00
CA LYS D 13 0.83 -7.03 -10.05
C LYS D 13 1.26 -8.43 -9.64
N HIS D 14 1.43 -8.64 -8.34
CA HIS D 14 1.84 -9.94 -7.83
C HIS D 14 0.86 -11.05 -8.22
N PRO D 15 1.40 -12.22 -8.59
CA PRO D 15 0.59 -13.37 -9.00
C PRO D 15 -0.18 -13.99 -7.84
N GLY D 16 -1.23 -14.75 -8.17
CA GLY D 16 -2.03 -15.40 -7.15
C GLY D 16 -1.26 -16.46 -6.39
N SER D 17 -1.72 -16.76 -5.18
CA SER D 17 -1.07 -17.77 -4.35
C SER D 17 -1.54 -19.19 -4.70
N GLN D 18 -2.72 -19.27 -5.31
CA GLN D 18 -3.28 -20.55 -5.71
C GLN D 18 -2.32 -21.34 -6.60
N PRO D 19 -1.97 -22.56 -6.18
CA PRO D 19 -1.05 -23.42 -6.94
C PRO D 19 -1.61 -23.81 -8.30
N LYS D 20 -0.70 -23.97 -9.27
CA LYS D 20 -1.08 -24.34 -10.63
C LYS D 20 -1.85 -25.65 -10.64
N THR D 21 -1.35 -26.62 -9.90
CA THR D 21 -1.99 -27.93 -9.81
C THR D 21 -2.86 -28.05 -8.57
N ALA D 22 -4.03 -28.64 -8.73
CA ALA D 22 -4.96 -28.81 -7.62
C ALA D 22 -4.31 -29.58 -6.48
N CYS D 23 -4.39 -29.01 -5.28
CA CYS D 23 -3.81 -29.63 -4.10
C CYS D 23 -4.18 -31.10 -3.99
N THR D 24 -3.25 -31.96 -4.42
CA THR D 24 -3.45 -33.40 -4.39
C THR D 24 -3.81 -33.89 -2.99
N ASN D 25 -4.17 -35.16 -2.90
CA ASN D 25 -4.54 -35.76 -1.62
C ASN D 25 -3.65 -36.97 -1.32
N CYS D 26 -2.38 -36.68 -1.07
CA CYS D 26 -1.40 -37.72 -0.76
C CYS D 26 -0.36 -37.24 0.24
N TYR D 27 0.06 -38.14 1.12
CA TYR D 27 1.04 -37.83 2.15
C TYR D 27 2.46 -38.13 1.71
N CYS D 28 2.62 -38.45 0.43
CA CYS D 28 3.95 -38.76 -0.10
C CYS D 28 4.91 -37.60 0.09
N LYS D 29 6.20 -37.90 0.00
CA LYS D 29 7.25 -36.90 0.16
C LYS D 29 7.19 -35.81 -0.91
N LYS D 30 6.35 -36.03 -1.91
CA LYS D 30 6.20 -35.07 -2.99
C LYS D 30 5.04 -34.10 -2.78
N CYS D 31 3.96 -34.60 -2.20
CA CYS D 31 2.77 -33.79 -1.94
C CYS D 31 2.90 -32.96 -0.67
N CYS D 32 3.80 -33.38 0.22
CA CYS D 32 4.01 -32.67 1.48
C CYS D 32 4.53 -31.26 1.25
N PHE D 33 5.06 -31.03 0.05
CA PHE D 33 5.59 -29.72 -0.30
C PHE D 33 4.88 -29.12 -1.52
N HIS D 34 3.70 -29.64 -1.81
CA HIS D 34 2.92 -29.17 -2.94
C HIS D 34 2.70 -27.66 -2.86
N CYS D 35 2.38 -27.19 -1.66
CA CYS D 35 2.14 -25.78 -1.42
C CYS D 35 2.43 -25.42 0.04
N GLN D 36 2.04 -24.22 0.43
CA GLN D 36 2.25 -23.77 1.80
C GLN D 36 1.32 -24.47 2.78
N VAL D 37 0.07 -24.66 2.36
CA VAL D 37 -0.92 -25.33 3.19
C VAL D 37 -0.56 -26.80 3.43
N CYS D 38 -0.22 -27.50 2.36
CA CYS D 38 0.14 -28.90 2.46
C CYS D 38 1.32 -29.12 3.41
N PHE D 39 2.30 -28.24 3.33
CA PHE D 39 3.47 -28.34 4.20
C PHE D 39 3.12 -28.14 5.67
N ILE D 40 2.20 -27.22 5.92
CA ILE D 40 1.78 -26.91 7.28
C ILE D 40 0.78 -27.92 7.82
N THR D 41 -0.05 -28.47 6.94
CA THR D 41 -1.08 -29.44 7.34
C THR D 41 -0.62 -30.89 7.25
N LYS D 42 0.25 -31.18 6.27
CA LYS D 42 0.75 -32.54 6.09
C LYS D 42 2.08 -32.78 6.79
N ALA D 43 3.09 -32.00 6.40
CA ALA D 43 4.42 -32.13 6.99
C ALA D 43 4.43 -31.76 8.47
N LEU D 44 3.90 -30.59 8.79
CA LEU D 44 3.86 -30.13 10.17
C LEU D 44 2.58 -30.57 10.87
N GLY D 45 1.56 -30.87 10.09
CA GLY D 45 0.30 -31.33 10.64
C GLY D 45 -0.42 -30.32 11.52
N ILE D 46 -0.49 -29.08 11.04
CA ILE D 46 -1.15 -28.01 11.76
C ILE D 46 -2.48 -27.64 11.08
N SER D 47 -3.58 -27.99 11.72
CA SER D 47 -4.90 -27.70 11.16
C SER D 47 -5.73 -26.82 12.08
N TYR D 48 -6.68 -26.10 11.49
CA TYR D 48 -7.56 -25.21 12.23
C TYR D 48 -8.85 -25.92 12.63
N GLY D 49 -9.15 -27.01 11.95
CA GLY D 49 -10.37 -27.77 12.25
C GLY D 49 -11.64 -26.97 12.02
N ARG D 50 -12.77 -27.66 12.12
CA ARG D 50 -14.07 -27.03 11.92
C ARG D 50 -14.64 -26.48 13.23
ZN ZN F . -1.50 -28.04 -1.89
ZN ZN G . 1.06 -38.26 -3.81
#